data_9B84
#
_entry.id   9B84
#
_cell.length_a   1.00
_cell.length_b   1.00
_cell.length_c   1.00
_cell.angle_alpha   90.00
_cell.angle_beta   90.00
_cell.angle_gamma   90.00
#
_symmetry.space_group_name_H-M   'P 1'
#
loop_
_entity.id
_entity.type
_entity.pdbx_description
1 polymer 'Maltodextrin-binding protein,Double-stranded RNA-specific adenosine deaminase'
2 polymer 'RNA (66-MER)'
3 non-polymer 'INOSITOL HEXAKISPHOSPHATE'
4 non-polymer 'ZINC ION'
#
loop_
_entity_poly.entity_id
_entity_poly.type
_entity_poly.pdbx_seq_one_letter_code
_entity_poly.pdbx_strand_id
1 'polypeptide(L)'
;MKIEEGKLVIWINGDKGYNGLAEVGKKFEKDTGIKVTVEHPDKLEEKFPQVAATGDGPDIIFWAHDRFGGYAQSGLLAEI
TPDKAFQDKLYPFTWDAVRYNGKLIAYPIAVEALSLIYNKDLLPNPPKTWEEIPALDKELKAKGKSALMFNLQEPYFTWP
LIAADGGYAFKYENGKYDIKDVGVDNAGAKAGLTFLVDLIKNKHMNADTDYSIAEAAFNKGETAMTINGPWAWSNIDTSK
VNYGVTVLPTFKGQPSKPFVGVLSAGINAASPNKELAKEFLENYLLTDEGLEAVNKDKPLGAVALKSYEEELAKDPRIAA
TMENAQKGEIMPNIPQMSAFWYAVRTAVINAASGRQTVDEALKDAQTNSSSNNNNNNNNNNLGLEVLFQGPVSSHFQELS
IYQDQEQRILKFLEELGEGKATTAHDLSGKLGTPKKEINRVLYSLAKKGKLQKEAGTPPLWKIAVSTQAWNQHSGVVRPD
GHSQGAPNSDPSLEPEDRNSTSVSEDLLEPFIAVSAQAWNQHSGVVRPDSHSQGSPNSDPGLEPEDSNSTSALEDPLEFL
DMAEIKEKICDYLFNVSDSSALNLAKNIGLTKARDINAVLIDMERQGDVYRQGTTPPIWHLTDKKRERMQIKRNTNSVPE
TAPAAIPETKRNAEFLTCNIPTSNASNNMVTTEKVENGQEPVIKLENRQEARPEPARLKPPVHYNGPSKAGYVDFENGQW
ATDDIPDDLNSIRAAPGEFRAIMEMPSFYSHGLPRCSPYKKLTECQLKNPISGLLEYAQFASQTCEFNMIEQSGPPHEPR
FKFQVVINGREFPPAEAGSKKVAKQDAAMKAMTILLEEAKAKDSGKSEESSHYSTEKESEKTAESQTPTPSATSFFSGKS
PVTTLLECMHKLGNSCEFRLLSKEGPAHEPKFQYCVAVGAQTFPSVSAPSKKVAKQMAAEEAMKALHGEATNSMASDNQP
EGMISESLDNLESMMPNKVRKIGELVRYLNTNPVGGLLEYARSHGFAAEFKLVDQSGPPHEPKFVYQAKVGGRWFPAVCA
HSKKQGKQEAADAALRVLIGENEKAERMGFTEVTPVTGASLRRTMLLLSRSPEAQPKTLPLTGSTFHDQIAMLSHRCFNT
LTNSFQPSLLGRKILAAIIMKKDSEDMGVVVSLGTGNRCVKGDSLSLKGETVNDCHAEIISRRGFIRFLYSELMKYNSQT
AKDSIFEPAKGGEKLQIKKTVSFHLYISTAPCGDGALFDKSCSDRAMESTESRHYPVFENPKQGKLRTKVENGEGTIPVE
SSDIVPTWDGIRLGERLRTMSCSDKILRWNVLGLQGALLTHFLQPIYLKSVTLGYLFSQGHLTRAICCRVTRDGSAFEDG
LRHPFIVNHPKVGRVSIYDSKRQSGKTKETSVNWCLADGYDLEILDGTRGTVDGPRNELSRVSKKNIFLLFKKLCSFRYR
RDLLRLSYGEAKKAARDYETAKNYFKKGLKDMGYGNWISKPQEEKNFYLCPV
;
A,B
2 'polyribonucleotide' GGGCU(8AZ)UUCGUUUUCCUAUUGAGCAUAGCCGCUUCUUCGGCUAUGCUCAAUAGGAAAACGAACAGU F
#
# COMPACT_ATOMS: atom_id res chain seq x y z
N PHE A 1106 16.85 14.80 39.97
CA PHE A 1106 16.24 15.56 38.89
C PHE A 1106 15.28 14.68 38.09
N HIS A 1107 15.75 13.51 37.68
CA HIS A 1107 14.90 12.58 36.95
C HIS A 1107 13.80 12.02 37.84
N ASP A 1108 14.08 11.82 39.13
CA ASP A 1108 13.05 11.38 40.05
C ASP A 1108 11.90 12.39 40.10
N GLN A 1109 12.23 13.68 40.10
CA GLN A 1109 11.19 14.70 40.10
C GLN A 1109 10.34 14.61 38.85
N ILE A 1110 10.97 14.40 37.69
CA ILE A 1110 10.25 14.32 36.43
C ILE A 1110 9.30 13.12 36.44
N ALA A 1111 9.78 11.96 36.89
CA ALA A 1111 8.95 10.77 36.93
C ALA A 1111 7.78 10.95 37.89
N MET A 1112 8.03 11.51 39.08
CA MET A 1112 6.96 11.74 40.04
C MET A 1112 5.94 12.71 39.48
N LEU A 1113 6.41 13.75 38.77
CA LEU A 1113 5.50 14.69 38.13
C LEU A 1113 4.56 13.99 37.15
N SER A 1114 5.13 13.16 36.28
CA SER A 1114 4.30 12.47 35.28
C SER A 1114 3.30 11.54 35.95
N HIS A 1115 3.77 10.72 36.89
CA HIS A 1115 2.88 9.77 37.55
C HIS A 1115 1.79 10.48 38.34
N ARG A 1116 2.15 11.58 39.03
CA ARG A 1116 1.17 12.31 39.80
C ARG A 1116 0.09 12.91 38.90
N CYS A 1117 0.50 13.51 37.78
CA CYS A 1117 -0.50 14.09 36.88
C CYS A 1117 -1.42 13.03 36.31
N PHE A 1118 -0.86 11.91 35.87
CA PHE A 1118 -1.69 10.86 35.30
C PHE A 1118 -2.66 10.29 36.35
N ASN A 1119 -2.15 10.02 37.56
CA ASN A 1119 -2.99 9.42 38.59
C ASN A 1119 -4.08 10.39 39.04
N THR A 1120 -3.76 11.68 39.17
CA THR A 1120 -4.78 12.65 39.54
C THR A 1120 -5.75 12.92 38.41
N LEU A 1121 -5.42 12.50 37.18
CA LEU A 1121 -6.37 12.65 36.08
C LEU A 1121 -7.35 11.49 35.99
N THR A 1122 -6.88 10.25 36.17
CA THR A 1122 -7.70 9.06 36.00
C THR A 1122 -8.10 8.43 37.33
N ASN A 1123 -8.27 9.24 38.37
CA ASN A 1123 -8.59 8.70 39.69
C ASN A 1123 -10.03 8.19 39.75
N SER A 1124 -10.94 8.83 39.02
CA SER A 1124 -12.36 8.50 39.10
C SER A 1124 -12.83 7.63 37.94
N PHE A 1125 -11.91 7.03 37.18
CA PHE A 1125 -12.28 6.22 36.04
C PHE A 1125 -12.43 4.75 36.47
N GLN A 1126 -12.70 3.89 35.48
CA GLN A 1126 -12.96 2.48 35.76
C GLN A 1126 -11.67 1.77 36.20
N PRO A 1127 -11.80 0.71 37.00
CA PRO A 1127 -10.60 -0.03 37.44
C PRO A 1127 -9.85 -0.72 36.31
N SER A 1128 -10.49 -0.92 35.15
CA SER A 1128 -9.89 -1.67 34.05
C SER A 1128 -8.65 -0.98 33.48
N LEU A 1129 -8.27 0.16 34.06
CA LEU A 1129 -7.05 0.86 33.68
C LEU A 1129 -5.88 0.52 34.58
N LEU A 1130 -6.02 -0.48 35.45
CA LEU A 1130 -4.97 -0.85 36.39
C LEU A 1130 -4.04 -1.92 35.84
N GLY A 1131 -4.22 -2.33 34.59
CA GLY A 1131 -3.37 -3.33 33.98
C GLY A 1131 -2.04 -2.78 33.50
N ARG A 1132 -1.27 -3.64 32.85
CA ARG A 1132 0.03 -3.24 32.32
C ARG A 1132 -0.14 -2.16 31.26
N LYS A 1133 0.68 -1.12 31.35
CA LYS A 1133 0.63 -0.05 30.37
C LYS A 1133 1.97 0.66 30.34
N ILE A 1134 2.32 1.15 29.16
CA ILE A 1134 3.51 1.97 28.97
C ILE A 1134 3.08 3.42 28.99
N LEU A 1135 3.58 4.19 29.95
CA LEU A 1135 3.18 5.58 30.14
C LEU A 1135 4.33 6.46 29.71
N ALA A 1136 4.07 7.38 28.78
CA ALA A 1136 5.10 8.26 28.26
C ALA A 1136 4.59 9.69 28.22
N ALA A 1137 5.37 10.61 28.77
CA ALA A 1137 4.97 12.00 28.88
C ALA A 1137 6.11 12.89 28.44
N ILE A 1138 5.76 14.13 28.11
CA ILE A 1138 6.72 15.17 27.76
C ILE A 1138 6.49 16.30 28.75
N ILE A 1139 7.57 16.68 29.44
CA ILE A 1139 7.55 17.69 30.49
C ILE A 1139 8.39 18.88 30.06
N MET A 1140 7.83 20.07 30.21
CA MET A 1140 8.50 21.32 29.91
C MET A 1140 9.05 21.95 31.19
N LYS A 1141 10.20 22.61 31.08
CA LYS A 1141 10.77 23.39 32.16
C LYS A 1141 10.95 24.82 31.68
N LYS A 1142 10.23 25.75 32.31
CA LYS A 1142 10.29 27.15 31.93
C LYS A 1142 11.69 27.74 32.16
N ASP A 1143 12.29 27.43 33.31
CA ASP A 1143 13.66 27.83 33.60
C ASP A 1143 14.34 26.72 34.39
N SER A 1144 15.58 26.97 34.79
CA SER A 1144 16.33 25.97 35.54
C SER A 1144 15.70 25.74 36.92
N GLU A 1145 15.29 26.81 37.60
CA GLU A 1145 14.76 26.70 38.94
C GLU A 1145 13.28 26.32 38.98
N ASP A 1146 12.58 26.42 37.85
CA ASP A 1146 11.17 26.07 37.82
C ASP A 1146 10.98 24.58 38.02
N MET A 1147 9.90 24.22 38.73
CA MET A 1147 9.65 22.82 39.03
C MET A 1147 9.34 22.03 37.77
N GLY A 1148 8.58 22.62 36.86
CA GLY A 1148 8.18 21.92 35.66
C GLY A 1148 6.78 21.33 35.77
N VAL A 1149 6.10 21.28 34.64
CA VAL A 1149 4.72 20.77 34.58
C VAL A 1149 4.61 19.84 33.38
N VAL A 1150 3.93 18.71 33.58
CA VAL A 1150 3.72 17.77 32.48
C VAL A 1150 2.88 18.45 31.42
N VAL A 1151 3.39 18.45 30.18
CA VAL A 1151 2.72 19.14 29.08
C VAL A 1151 2.17 18.19 28.04
N SER A 1152 2.38 16.88 28.20
CA SER A 1152 1.74 15.95 27.28
C SER A 1152 1.82 14.49 27.73
N LEU A 1153 0.69 13.79 27.73
CA LEU A 1153 0.60 12.46 28.31
C LEU A 1153 0.05 11.46 27.29
N GLY A 1154 0.65 10.28 27.24
CA GLY A 1154 0.21 9.26 26.32
C GLY A 1154 0.40 7.88 26.90
N THR A 1155 -0.52 6.98 26.56
CA THR A 1155 -0.42 5.57 26.88
C THR A 1155 -0.78 4.80 25.61
N GLY A 1156 -0.94 3.48 25.70
CA GLY A 1156 -1.28 2.68 24.54
C GLY A 1156 -0.05 2.03 23.94
N ASN A 1157 -0.20 0.78 23.50
CA ASN A 1157 0.93 0.02 22.95
C ASN A 1157 0.48 -0.79 21.73
N ARG A 1158 -0.33 -0.20 20.87
CA ARG A 1158 -0.92 -0.96 19.77
C ARG A 1158 -0.92 -0.15 18.48
N CYS A 1159 -1.05 -0.86 17.36
CA CYS A 1159 -1.03 -0.26 16.03
C CYS A 1159 -2.20 -0.80 15.21
N VAL A 1160 -2.65 -0.02 14.23
CA VAL A 1160 -3.77 -0.44 13.39
C VAL A 1160 -3.41 -1.68 12.58
N LYS A 1161 -4.41 -2.50 12.33
CA LYS A 1161 -4.25 -3.66 11.47
C LYS A 1161 -4.21 -3.23 10.00
N GLY A 1162 -3.71 -4.13 9.15
CA GLY A 1162 -3.53 -3.79 7.75
C GLY A 1162 -4.82 -3.38 7.07
N ASP A 1163 -5.92 -4.06 7.40
CA ASP A 1163 -7.20 -3.69 6.81
C ASP A 1163 -7.73 -2.39 7.39
N SER A 1164 -7.34 -2.07 8.63
CA SER A 1164 -7.88 -0.90 9.33
C SER A 1164 -7.39 0.41 8.75
N LEU A 1165 -6.40 0.39 7.86
CA LEU A 1165 -5.87 1.62 7.28
C LEU A 1165 -6.96 2.38 6.55
N SER A 1166 -6.89 3.71 6.60
CA SER A 1166 -7.89 4.58 6.02
C SER A 1166 -7.24 5.41 4.92
N LEU A 1167 -7.91 5.47 3.76
CA LEU A 1167 -7.47 6.34 2.67
C LEU A 1167 -7.86 7.79 2.88
N LYS A 1168 -8.62 8.09 3.93
CA LYS A 1168 -8.97 9.46 4.27
C LYS A 1168 -8.30 9.92 5.56
N GLY A 1169 -7.32 9.17 6.06
CA GLY A 1169 -6.57 9.54 7.25
C GLY A 1169 -7.35 9.49 8.55
N GLU A 1170 -8.22 8.50 8.70
CA GLU A 1170 -9.06 8.36 9.89
C GLU A 1170 -8.56 7.28 10.84
N THR A 1171 -7.23 7.14 10.98
CA THR A 1171 -6.67 6.18 11.91
C THR A 1171 -5.39 6.73 12.51
N VAL A 1172 -5.06 6.25 13.71
CA VAL A 1172 -3.77 6.50 14.34
C VAL A 1172 -2.94 5.24 14.12
N ASN A 1173 -2.00 5.31 13.17
CA ASN A 1173 -1.31 4.12 12.70
C ASN A 1173 -0.57 3.43 13.84
N ASP A 1174 0.05 4.19 14.74
CA ASP A 1174 0.68 3.63 15.92
C ASP A 1174 0.18 4.39 17.15
N CYS A 1175 -0.27 3.63 18.16
CA CYS A 1175 -0.74 4.20 19.41
C CYS A 1175 0.30 4.07 20.52
N HIS A 1176 1.57 4.00 20.17
CA HIS A 1176 2.60 3.70 21.15
C HIS A 1176 2.78 4.87 22.11
N ALA A 1177 3.37 4.57 23.27
CA ALA A 1177 3.40 5.51 24.38
C ALA A 1177 4.13 6.79 24.00
N GLU A 1178 5.40 6.69 23.60
CA GLU A 1178 6.15 7.89 23.24
C GLU A 1178 5.65 8.48 21.93
N ILE A 1179 5.18 7.65 21.01
CA ILE A 1179 4.65 8.18 19.75
C ILE A 1179 3.38 8.98 20.00
N ILE A 1180 2.47 8.45 20.82
CA ILE A 1180 1.28 9.19 21.21
C ILE A 1180 1.68 10.41 22.04
N SER A 1181 2.76 10.29 22.82
CA SER A 1181 3.24 11.43 23.58
C SER A 1181 3.68 12.56 22.65
N ARG A 1182 4.35 12.22 21.54
CA ARG A 1182 4.72 13.28 20.60
C ARG A 1182 3.52 13.78 19.81
N ARG A 1183 2.53 12.93 19.56
CA ARG A 1183 1.31 13.44 18.91
C ARG A 1183 0.61 14.45 19.82
N GLY A 1184 0.52 14.14 21.11
CA GLY A 1184 0.00 15.11 22.06
C GLY A 1184 0.89 16.33 22.21
N PHE A 1185 2.21 16.15 22.07
CA PHE A 1185 3.13 17.28 22.06
C PHE A 1185 2.87 18.17 20.86
N ILE A 1186 2.60 17.58 19.70
CA ILE A 1186 2.23 18.34 18.51
C ILE A 1186 0.93 19.10 18.76
N ARG A 1187 -0.04 18.45 19.41
CA ARG A 1187 -1.29 19.12 19.75
C ARG A 1187 -1.04 20.28 20.72
N PHE A 1188 -0.13 20.09 21.68
CA PHE A 1188 0.23 21.16 22.62
C PHE A 1188 0.89 22.31 21.87
N LEU A 1189 1.78 22.00 20.93
CA LEU A 1189 2.43 23.05 20.15
C LEU A 1189 1.42 23.81 19.31
N TYR A 1190 0.46 23.10 18.73
CA TYR A 1190 -0.60 23.75 17.97
C TYR A 1190 -1.41 24.68 18.85
N SER A 1191 -1.80 24.21 20.03
CA SER A 1191 -2.57 25.03 20.95
C SER A 1191 -1.78 26.26 21.38
N GLU A 1192 -0.49 26.08 21.66
CA GLU A 1192 0.35 27.20 22.08
C GLU A 1192 0.49 28.20 20.95
N LEU A 1193 0.65 27.73 19.71
CA LEU A 1193 0.73 28.62 18.57
C LEU A 1193 -0.58 29.37 18.35
N MET A 1194 -1.71 28.78 18.73
CA MET A 1194 -2.94 29.58 18.80
C MET A 1194 -2.87 30.59 19.93
N LYS A 1195 -2.25 30.22 21.04
CA LYS A 1195 -2.11 31.16 22.15
C LYS A 1195 -1.07 32.22 21.85
N TYR A 1196 -0.01 31.86 21.13
CA TYR A 1196 1.10 32.77 20.89
C TYR A 1196 0.63 34.02 20.16
N ASN A 1197 1.06 35.18 20.66
CA ASN A 1197 0.78 36.46 20.03
C ASN A 1197 1.74 37.50 20.59
N SER A 1198 1.54 38.75 20.20
CA SER A 1198 2.42 39.83 20.65
C SER A 1198 2.32 40.04 22.15
N GLN A 1199 1.11 39.97 22.70
CA GLN A 1199 0.91 40.30 24.12
C GLN A 1199 1.54 39.26 25.03
N THR A 1200 1.40 37.98 24.68
CA THR A 1200 1.88 36.88 25.51
C THR A 1200 3.18 36.29 24.98
N ALA A 1201 4.04 37.11 24.35
CA ALA A 1201 5.29 36.58 23.83
C ALA A 1201 6.26 36.26 24.95
N LYS A 1202 6.30 37.08 26.00
CA LYS A 1202 7.23 36.82 27.10
C LYS A 1202 6.88 35.53 27.82
N ASP A 1203 5.59 35.28 28.05
CA ASP A 1203 5.15 34.06 28.71
C ASP A 1203 5.22 32.85 27.79
N SER A 1204 5.03 33.05 26.49
CA SER A 1204 5.03 31.94 25.54
C SER A 1204 6.40 31.31 25.43
N ILE A 1205 6.43 30.14 24.80
CA ILE A 1205 7.62 29.29 24.76
C ILE A 1205 8.31 29.38 23.39
N PHE A 1206 8.01 30.41 22.60
CA PHE A 1206 8.66 30.58 21.32
C PHE A 1206 9.18 32.00 21.15
N GLU A 1207 10.32 32.11 20.45
CA GLU A 1207 10.94 33.40 20.15
C GLU A 1207 11.41 33.34 18.71
N PRO A 1208 11.13 34.36 17.89
CA PRO A 1208 11.40 34.25 16.46
C PRO A 1208 12.88 34.09 16.16
N ALA A 1209 13.19 33.27 15.16
CA ALA A 1209 14.55 33.03 14.73
C ALA A 1209 14.99 34.13 13.76
N LYS A 1210 16.11 33.90 13.09
CA LYS A 1210 16.67 34.87 12.14
C LYS A 1210 15.63 35.25 11.08
N GLY A 1211 15.26 36.53 11.08
CA GLY A 1211 14.28 37.04 10.15
C GLY A 1211 12.85 37.00 10.64
N GLY A 1212 12.57 36.21 11.68
CA GLY A 1212 11.24 36.13 12.24
C GLY A 1212 10.26 35.29 11.46
N GLU A 1213 10.72 34.57 10.44
CA GLU A 1213 9.81 33.73 9.65
C GLU A 1213 9.31 32.56 10.48
N LYS A 1214 10.21 31.87 11.17
CA LYS A 1214 9.87 30.72 12.00
C LYS A 1214 10.48 30.87 13.39
N LEU A 1215 9.80 30.32 14.39
CA LEU A 1215 10.14 30.49 15.79
C LEU A 1215 10.98 29.32 16.30
N GLN A 1216 11.58 29.52 17.48
CA GLN A 1216 12.32 28.46 18.16
C GLN A 1216 12.05 28.53 19.65
N ILE A 1217 12.17 27.37 20.31
CA ILE A 1217 12.00 27.33 21.76
C ILE A 1217 13.11 28.12 22.44
N LYS A 1218 12.80 28.63 23.63
CA LYS A 1218 13.76 29.40 24.40
C LYS A 1218 14.87 28.50 24.93
N LYS A 1219 16.03 29.08 25.19
CA LYS A 1219 17.16 28.29 25.68
C LYS A 1219 16.97 27.89 27.14
N THR A 1220 16.26 28.70 27.93
CA THR A 1220 15.95 28.29 29.29
C THR A 1220 14.91 27.18 29.30
N VAL A 1221 13.90 27.28 28.43
CA VAL A 1221 12.86 26.27 28.36
C VAL A 1221 13.44 24.98 27.82
N SER A 1222 13.38 23.93 28.62
CA SER A 1222 13.98 22.65 28.28
C SER A 1222 12.91 21.57 28.24
N PHE A 1223 12.97 20.73 27.21
CA PHE A 1223 12.00 19.65 27.04
C PHE A 1223 12.61 18.33 27.48
N HIS A 1224 11.81 17.54 28.18
CA HIS A 1224 12.29 16.27 28.73
C HIS A 1224 11.26 15.19 28.45
N LEU A 1225 11.66 14.20 27.67
CA LEU A 1225 10.79 13.08 27.33
C LEU A 1225 10.95 12.00 28.39
N TYR A 1226 9.93 11.85 29.23
CA TYR A 1226 9.89 10.74 30.18
C TYR A 1226 9.18 9.57 29.52
N ILE A 1227 9.78 8.39 29.61
CA ILE A 1227 9.12 7.17 29.19
C ILE A 1227 9.22 6.15 30.30
N SER A 1228 8.18 5.34 30.47
CA SER A 1228 8.23 4.26 31.46
C SER A 1228 9.32 3.27 31.11
N THR A 1229 9.36 2.80 29.87
CA THR A 1229 10.35 1.85 29.38
C THR A 1229 11.14 2.49 28.25
N ALA A 1230 12.07 1.72 27.68
CA ALA A 1230 12.90 2.25 26.62
C ALA A 1230 12.18 2.17 25.27
N PRO A 1231 12.45 3.10 24.36
CA PRO A 1231 11.82 3.02 23.03
C PRO A 1231 12.24 1.76 22.29
N CYS A 1232 11.30 1.22 21.52
CA CYS A 1232 11.52 -0.03 20.80
C CYS A 1232 12.52 0.16 19.66
N GLY A 1233 13.14 -0.94 19.26
CA GLY A 1233 14.00 -0.94 18.10
C GLY A 1233 15.49 -0.83 18.40
N ASP A 1234 16.10 0.26 17.94
CA ASP A 1234 17.55 0.41 18.04
C ASP A 1234 18.00 0.69 19.48
N GLY A 1235 17.18 1.41 20.24
CA GLY A 1235 17.45 1.71 21.63
C GLY A 1235 17.25 0.58 22.61
N ALA A 1236 16.93 -0.62 22.13
CA ALA A 1236 16.71 -1.78 22.98
C ALA A 1236 17.62 -2.95 22.60
N LEU A 1237 18.90 -2.66 22.36
CA LEU A 1237 19.88 -3.71 22.08
C LEU A 1237 20.69 -4.02 23.34
N PHE A 1238 20.01 -4.62 24.31
CA PHE A 1238 20.65 -5.02 25.56
C PHE A 1238 19.80 -6.10 26.21
N ASP A 1239 20.08 -6.39 27.48
CA ASP A 1239 19.35 -7.40 28.23
C ASP A 1239 18.93 -6.82 29.57
N LYS A 1240 17.90 -7.44 30.15
CA LYS A 1240 17.41 -7.00 31.45
C LYS A 1240 18.47 -7.18 32.54
N SER A 1241 19.17 -8.31 32.52
CA SER A 1241 20.21 -8.57 33.53
C SER A 1241 21.41 -7.66 33.40
N CYS A 1242 21.55 -6.95 32.28
CA CYS A 1242 22.66 -6.02 32.07
C CYS A 1242 22.24 -4.56 32.23
N SER A 1243 21.14 -4.30 32.91
CA SER A 1243 20.65 -2.94 33.10
C SER A 1243 21.60 -2.19 34.03
N ASP A 1244 22.32 -1.22 33.49
CA ASP A 1244 23.30 -0.48 34.28
C ASP A 1244 22.61 0.45 35.27
N ARG A 1245 23.33 0.82 36.32
CA ARG A 1245 22.80 1.68 37.37
C ARG A 1245 22.84 3.13 36.91
N ALA A 1246 22.60 4.06 37.83
CA ALA A 1246 22.56 5.48 37.54
C ALA A 1246 23.78 6.17 38.14
N MET A 1247 24.40 7.04 37.36
CA MET A 1247 25.53 7.84 37.80
C MET A 1247 25.30 9.29 37.39
N GLU A 1248 25.84 10.22 38.18
CA GLU A 1248 25.66 11.65 37.96
C GLU A 1248 26.93 12.19 37.32
N SER A 1249 26.88 12.45 36.02
CA SER A 1249 28.00 13.00 35.27
C SER A 1249 27.72 14.46 34.94
N THR A 1250 28.65 15.33 35.31
CA THR A 1250 28.49 16.76 35.02
C THR A 1250 28.69 17.04 33.53
N GLU A 1251 29.56 16.30 32.86
CA GLU A 1251 29.85 16.54 31.46
C GLU A 1251 28.68 16.10 30.57
N SER A 1252 28.59 16.74 29.40
CA SER A 1252 27.57 16.46 28.40
C SER A 1252 28.10 15.59 27.26
N ARG A 1253 29.23 14.94 27.46
CA ARG A 1253 29.88 14.19 26.39
C ARG A 1253 29.25 12.81 26.23
N HIS A 1254 28.84 12.51 25.00
CA HIS A 1254 28.20 11.25 24.63
C HIS A 1254 29.24 10.20 24.29
N TYR A 1255 28.92 8.94 24.62
CA TYR A 1255 29.82 7.82 24.39
C TYR A 1255 29.08 6.67 23.71
N PRO A 1256 28.73 6.81 22.43
CA PRO A 1256 27.93 5.78 21.77
C PRO A 1256 28.75 4.52 21.55
N VAL A 1257 28.06 3.40 21.43
CA VAL A 1257 28.68 2.10 21.24
C VAL A 1257 28.25 1.55 19.87
N PHE A 1258 29.23 1.10 19.08
CA PHE A 1258 28.99 0.39 17.82
C PHE A 1258 29.83 -0.88 17.86
N GLU A 1259 29.31 -1.94 18.48
CA GLU A 1259 30.06 -3.18 18.57
C GLU A 1259 29.73 -4.17 17.46
N ASN A 1260 28.53 -4.11 16.88
CA ASN A 1260 28.15 -5.01 15.81
C ASN A 1260 27.66 -4.22 14.61
N PRO A 1261 27.85 -4.73 13.40
CA PRO A 1261 27.29 -4.05 12.22
C PRO A 1261 25.78 -4.01 12.17
N LYS A 1262 25.09 -4.93 12.88
CA LYS A 1262 23.64 -4.91 12.90
C LYS A 1262 23.08 -3.87 13.86
N GLN A 1263 23.94 -3.24 14.65
CA GLN A 1263 23.53 -2.15 15.52
C GLN A 1263 23.52 -0.84 14.74
N GLY A 1264 22.45 -0.07 14.90
CA GLY A 1264 22.29 1.15 14.16
C GLY A 1264 21.45 1.07 12.89
N LYS A 1265 21.11 -0.12 12.41
CA LYS A 1265 20.34 -0.16 11.17
C LYS A 1265 18.99 0.54 11.37
N LEU A 1266 18.21 0.65 10.30
CA LEU A 1266 16.86 1.20 10.40
C LEU A 1266 15.89 0.04 10.53
N ARG A 1267 14.93 0.16 11.44
CA ARG A 1267 14.05 -0.96 11.77
C ARG A 1267 12.60 -0.55 11.63
N THR A 1268 11.73 -1.55 11.49
CA THR A 1268 10.30 -1.31 11.37
C THR A 1268 9.53 -2.27 12.26
N LYS A 1269 8.43 -1.77 12.82
CA LYS A 1269 7.45 -2.57 13.54
C LYS A 1269 6.33 -2.92 12.57
N VAL A 1270 5.99 -4.20 12.49
CA VAL A 1270 5.09 -4.72 11.46
C VAL A 1270 3.84 -5.25 12.13
N GLU A 1271 2.69 -5.03 11.49
CA GLU A 1271 1.44 -5.51 12.06
C GLU A 1271 1.43 -7.03 12.14
N ASN A 1272 0.87 -7.55 13.24
CA ASN A 1272 0.81 -8.96 13.60
C ASN A 1272 2.20 -9.49 13.93
N GLY A 1273 3.24 -8.67 13.82
CA GLY A 1273 4.61 -9.10 14.00
C GLY A 1273 5.30 -8.40 15.16
N GLU A 1274 5.53 -9.12 16.25
CA GLU A 1274 6.26 -8.54 17.37
C GLU A 1274 7.68 -8.15 16.95
N GLY A 1275 8.35 -7.43 17.84
CA GLY A 1275 9.70 -6.97 17.60
C GLY A 1275 9.80 -5.88 16.54
N THR A 1276 11.04 -5.55 16.21
CA THR A 1276 11.37 -4.56 15.20
C THR A 1276 12.21 -5.20 14.10
N ILE A 1277 11.81 -4.97 12.86
CA ILE A 1277 12.39 -5.64 11.68
C ILE A 1277 13.13 -4.61 10.86
N PRO A 1278 14.37 -4.89 10.42
CA PRO A 1278 15.17 -3.83 9.80
C PRO A 1278 14.58 -3.41 8.45
N VAL A 1279 14.99 -2.23 8.01
CA VAL A 1279 14.68 -1.79 6.65
C VAL A 1279 15.80 -2.36 5.77
N GLU A 1280 15.59 -3.57 5.28
CA GLU A 1280 16.54 -4.20 4.39
C GLU A 1280 16.32 -3.67 2.97
N SER A 1281 16.92 -4.32 1.99
CA SER A 1281 16.60 -4.03 0.59
C SER A 1281 15.35 -4.80 0.20
N SER A 1282 14.29 -4.68 1.00
CA SER A 1282 13.01 -5.33 0.72
C SER A 1282 12.33 -4.60 -0.43
N ASP A 1283 12.39 -5.19 -1.61
CA ASP A 1283 11.92 -4.51 -2.82
C ASP A 1283 10.41 -4.40 -2.89
N ILE A 1284 9.67 -4.73 -1.84
CA ILE A 1284 8.22 -4.56 -1.87
C ILE A 1284 7.93 -3.08 -1.72
N VAL A 1285 7.62 -2.42 -2.83
CA VAL A 1285 7.27 -1.00 -2.76
C VAL A 1285 5.98 -0.85 -1.98
N PRO A 1286 5.88 0.09 -1.03
CA PRO A 1286 4.62 0.29 -0.33
C PRO A 1286 3.49 0.65 -1.28
N THR A 1287 2.53 -0.26 -1.41
CA THR A 1287 1.39 -0.08 -2.30
C THR A 1287 0.12 -0.34 -1.53
N TRP A 1288 -0.92 0.46 -1.81
CA TRP A 1288 -2.15 0.38 -1.04
C TRP A 1288 -2.87 -0.93 -1.28
N ASP A 1289 -3.30 -1.18 -2.52
CA ASP A 1289 -4.04 -2.39 -2.82
C ASP A 1289 -3.20 -3.64 -2.57
N GLY A 1290 -1.87 -3.52 -2.67
CA GLY A 1290 -1.01 -4.62 -2.25
C GLY A 1290 -1.21 -4.96 -0.78
N ILE A 1291 -1.27 -3.95 0.07
CA ILE A 1291 -1.53 -4.17 1.49
C ILE A 1291 -2.93 -4.74 1.69
N ARG A 1292 -3.91 -4.21 0.95
CA ARG A 1292 -5.29 -4.69 1.10
C ARG A 1292 -5.41 -6.16 0.78
N LEU A 1293 -4.77 -6.63 -0.30
CA LEU A 1293 -4.85 -8.05 -0.62
C LEU A 1293 -4.09 -8.94 0.37
N GLY A 1294 -3.32 -8.36 1.28
CA GLY A 1294 -2.69 -9.18 2.29
C GLY A 1294 -1.20 -9.00 2.51
N GLU A 1295 -0.64 -7.86 2.09
CA GLU A 1295 0.75 -7.55 2.38
C GLU A 1295 0.86 -6.82 3.72
N ARG A 1296 1.86 -7.20 4.51
CA ARG A 1296 2.01 -6.67 5.85
C ARG A 1296 2.30 -5.17 5.82
N LEU A 1297 1.82 -4.48 6.85
CA LEU A 1297 2.07 -3.05 7.02
C LEU A 1297 3.28 -2.85 7.92
N ARG A 1298 4.20 -1.98 7.47
CA ARG A 1298 5.41 -1.69 8.22
C ARG A 1298 5.43 -0.23 8.63
N THR A 1299 5.82 0.03 9.88
CA THR A 1299 5.87 1.36 10.45
C THR A 1299 7.28 1.62 10.99
N MET A 1300 7.76 2.84 10.83
CA MET A 1300 9.08 3.19 11.34
C MET A 1300 9.10 3.06 12.86
N SER A 1301 10.18 2.50 13.38
CA SER A 1301 10.23 2.09 14.79
C SER A 1301 10.35 3.33 15.68
N CYS A 1302 10.59 3.10 16.97
CA CYS A 1302 10.61 4.20 17.94
C CYS A 1302 11.92 4.97 17.88
N SER A 1303 13.04 4.30 18.17
CA SER A 1303 14.33 4.97 18.14
C SER A 1303 14.66 5.48 16.73
N ASP A 1304 14.23 4.74 15.71
CA ASP A 1304 14.35 5.23 14.34
C ASP A 1304 13.48 6.43 14.10
N LYS A 1305 12.50 6.69 14.97
CA LYS A 1305 11.67 7.87 14.87
C LYS A 1305 12.04 8.88 15.93
N ILE A 1306 13.16 8.65 16.62
CA ILE A 1306 13.80 9.69 17.41
C ILE A 1306 15.03 10.21 16.71
N LEU A 1307 15.69 9.37 15.91
CA LEU A 1307 16.81 9.88 15.12
C LEU A 1307 16.34 11.03 14.27
N ARG A 1308 15.12 10.93 13.74
CA ARG A 1308 14.56 12.01 12.95
C ARG A 1308 14.30 13.21 13.85
N TRP A 1309 13.67 12.97 15.01
CA TRP A 1309 13.37 14.06 15.94
C TRP A 1309 14.61 14.86 16.29
N ASN A 1310 15.80 14.24 16.24
CA ASN A 1310 17.04 14.94 16.57
C ASN A 1310 17.77 15.50 15.37
N VAL A 1311 17.96 14.70 14.31
CA VAL A 1311 18.60 15.21 13.09
C VAL A 1311 17.71 16.24 12.41
N LEU A 1312 16.39 16.00 12.40
CA LEU A 1312 15.46 16.89 11.71
C LEU A 1312 14.59 17.71 12.65
N GLY A 1313 13.88 17.07 13.59
CA GLY A 1313 13.08 17.85 14.52
C GLY A 1313 11.97 17.07 15.23
N LEU A 1314 11.70 17.46 16.48
CA LEU A 1314 10.59 16.85 17.21
C LEU A 1314 9.23 17.24 16.65
N GLN A 1315 9.17 18.32 15.88
CA GLN A 1315 7.90 18.86 15.40
C GLN A 1315 7.38 18.17 14.14
N GLY A 1316 8.15 17.25 13.55
CA GLY A 1316 7.73 16.62 12.31
C GLY A 1316 7.92 17.53 11.11
N ALA A 1317 7.49 17.03 9.96
CA ALA A 1317 7.61 17.79 8.72
C ALA A 1317 6.47 18.78 8.54
N LEU A 1318 5.31 18.49 9.11
CA LEU A 1318 4.17 19.41 9.01
C LEU A 1318 4.46 20.72 9.72
N LEU A 1319 5.04 20.65 10.92
CA LEU A 1319 5.20 21.82 11.78
C LEU A 1319 6.45 22.63 11.47
N THR A 1320 7.37 22.12 10.66
CA THR A 1320 8.58 22.88 10.38
C THR A 1320 8.32 24.09 9.50
N HIS A 1321 7.11 24.23 8.97
CA HIS A 1321 6.74 25.44 8.22
C HIS A 1321 6.56 26.65 9.12
N PHE A 1322 6.53 26.48 10.44
CA PHE A 1322 6.18 27.58 11.32
C PHE A 1322 7.22 27.81 12.43
N LEU A 1323 7.88 26.75 12.86
CA LEU A 1323 8.87 26.87 13.93
C LEU A 1323 10.13 26.12 13.55
N GLN A 1324 11.26 26.63 14.03
CA GLN A 1324 12.53 25.98 13.84
C GLN A 1324 12.55 24.64 14.57
N PRO A 1325 13.38 23.71 14.12
CA PRO A 1325 13.39 22.37 14.74
C PRO A 1325 13.56 22.41 16.25
N ILE A 1326 12.56 21.91 16.97
CA ILE A 1326 12.61 21.79 18.41
C ILE A 1326 13.35 20.52 18.77
N TYR A 1327 14.37 20.63 19.60
CA TYR A 1327 15.22 19.49 19.94
C TYR A 1327 14.98 19.06 21.38
N LEU A 1328 15.01 17.75 21.61
CA LEU A 1328 14.91 17.24 22.98
C LEU A 1328 16.08 17.76 23.80
N LYS A 1329 15.78 18.27 24.98
CA LYS A 1329 16.84 18.67 25.90
C LYS A 1329 17.25 17.53 26.81
N SER A 1330 16.34 16.60 27.11
CA SER A 1330 16.73 15.42 27.86
C SER A 1330 15.72 14.31 27.66
N VAL A 1331 16.19 13.09 27.87
CA VAL A 1331 15.37 11.89 27.79
C VAL A 1331 15.57 11.12 29.08
N THR A 1332 14.49 10.98 29.86
CA THR A 1332 14.51 10.25 31.11
C THR A 1332 13.71 8.96 30.96
N LEU A 1333 14.32 7.86 31.37
CA LEU A 1333 13.75 6.53 31.23
C LEU A 1333 13.46 5.94 32.60
N GLY A 1334 12.22 5.50 32.80
CA GLY A 1334 11.89 4.80 34.03
C GLY A 1334 12.33 3.36 34.05
N TYR A 1335 12.65 2.80 32.89
CA TYR A 1335 13.06 1.40 32.79
C TYR A 1335 13.94 1.23 31.57
N LEU A 1336 14.79 0.19 31.61
CA LEU A 1336 15.59 -0.23 30.47
C LEU A 1336 16.49 0.89 29.94
N PHE A 1337 17.18 1.57 30.84
CA PHE A 1337 18.04 2.69 30.47
C PHE A 1337 19.44 2.17 30.15
N SER A 1338 20.01 2.64 29.04
CA SER A 1338 21.38 2.34 28.68
C SER A 1338 22.01 3.57 28.06
N GLN A 1339 23.24 3.87 28.47
CA GLN A 1339 23.89 5.12 28.06
C GLN A 1339 24.29 5.07 26.58
N GLY A 1340 25.18 4.14 26.23
CA GLY A 1340 25.69 4.10 24.88
C GLY A 1340 24.63 3.78 23.85
N HIS A 1341 23.77 2.80 24.15
CA HIS A 1341 22.78 2.37 23.18
C HIS A 1341 21.80 3.49 22.86
N LEU A 1342 21.25 4.14 23.89
CA LEU A 1342 20.32 5.23 23.65
C LEU A 1342 21.03 6.40 22.97
N THR A 1343 22.22 6.77 23.44
CA THR A 1343 22.90 7.93 22.88
C THR A 1343 23.21 7.72 21.40
N ARG A 1344 23.62 6.51 21.02
CA ARG A 1344 23.76 6.21 19.60
C ARG A 1344 22.42 6.32 18.89
N ALA A 1345 21.38 5.69 19.44
CA ALA A 1345 20.12 5.57 18.72
C ALA A 1345 19.47 6.91 18.45
N ILE A 1346 19.67 7.90 19.33
CA ILE A 1346 18.87 9.10 19.15
C ILE A 1346 19.69 10.23 18.54
N CYS A 1347 21.01 10.23 18.76
CA CYS A 1347 21.83 11.36 18.32
C CYS A 1347 23.12 11.06 17.56
N CYS A 1348 23.71 9.86 17.62
CA CYS A 1348 25.06 9.69 17.08
C CYS A 1348 25.25 8.39 16.30
N ARG A 1349 24.20 7.64 16.01
CA ARG A 1349 24.29 6.67 14.94
C ARG A 1349 24.55 7.33 13.60
N VAL A 1350 24.00 8.54 13.40
CA VAL A 1350 24.13 9.24 12.12
C VAL A 1350 25.58 9.63 11.83
N THR A 1351 26.31 10.13 12.82
CA THR A 1351 27.68 10.64 12.61
C THR A 1351 28.76 9.65 13.01
N ARG A 1352 28.57 8.36 12.76
CA ARG A 1352 29.59 7.38 13.14
C ARG A 1352 30.86 7.55 12.32
N ASP A 1353 30.72 7.90 11.04
CA ASP A 1353 31.84 7.93 10.10
C ASP A 1353 32.43 9.32 9.91
N GLY A 1354 32.41 10.15 10.94
CA GLY A 1354 33.07 11.44 10.88
C GLY A 1354 32.09 12.59 10.69
N SER A 1355 32.65 13.81 10.74
CA SER A 1355 31.87 15.03 10.63
C SER A 1355 31.35 15.29 9.22
N ALA A 1356 31.75 14.48 8.23
CA ALA A 1356 31.28 14.68 6.86
C ALA A 1356 29.76 14.61 6.76
N PHE A 1357 29.13 13.86 7.66
CA PHE A 1357 27.66 13.82 7.69
C PHE A 1357 27.09 15.11 8.27
N GLU A 1358 27.70 15.62 9.35
CA GLU A 1358 27.15 16.80 10.02
C GLU A 1358 27.34 18.06 9.18
N ASP A 1359 28.54 18.25 8.62
CA ASP A 1359 28.84 19.50 7.92
C ASP A 1359 28.00 19.64 6.66
N GLY A 1360 27.68 18.54 5.99
CA GLY A 1360 26.81 18.61 4.83
C GLY A 1360 25.40 19.06 5.16
N LEU A 1361 24.89 18.64 6.33
CA LEU A 1361 23.56 19.04 6.75
C LEU A 1361 23.46 20.55 6.90
N ARG A 1362 22.42 21.13 6.31
CA ARG A 1362 22.25 22.57 6.31
C ARG A 1362 21.65 23.05 7.63
N HIS A 1363 21.99 24.28 8.00
CA HIS A 1363 21.35 24.92 9.13
C HIS A 1363 19.87 25.15 8.83
N PRO A 1364 18.97 24.97 9.82
CA PRO A 1364 19.19 24.58 11.22
C PRO A 1364 19.15 23.08 11.47
N PHE A 1365 19.01 22.25 10.44
CA PHE A 1365 18.85 20.80 10.64
C PHE A 1365 20.22 20.20 10.92
N ILE A 1366 20.69 20.41 12.14
CA ILE A 1366 21.97 19.89 12.59
C ILE A 1366 21.72 18.86 13.68
N VAL A 1367 22.67 17.92 13.82
CA VAL A 1367 22.54 16.87 14.81
C VAL A 1367 22.66 17.47 16.22
N ASN A 1368 22.08 16.78 17.20
CA ASN A 1368 22.02 17.30 18.56
C ASN A 1368 22.00 16.17 19.57
N HIS A 1369 22.92 16.22 20.53
CA HIS A 1369 23.07 15.19 21.57
C HIS A 1369 22.53 15.65 22.91
N PRO A 1370 21.28 15.33 23.26
CA PRO A 1370 20.70 15.86 24.50
C PRO A 1370 21.29 15.16 25.71
N LYS A 1371 20.78 15.44 26.90
CA LYS A 1371 21.18 14.72 28.10
C LYS A 1371 20.21 13.59 28.39
N VAL A 1372 20.74 12.45 28.82
CA VAL A 1372 19.93 11.26 29.05
C VAL A 1372 20.04 10.91 30.53
N GLY A 1373 19.02 10.24 31.04
CA GLY A 1373 18.99 9.96 32.46
C GLY A 1373 18.00 8.90 32.87
N ARG A 1374 18.18 8.40 34.09
CA ARG A 1374 17.38 7.34 34.67
C ARG A 1374 16.71 7.87 35.93
N VAL A 1375 15.48 7.41 36.18
CA VAL A 1375 14.81 7.74 37.42
C VAL A 1375 15.63 7.23 38.60
N SER A 1376 15.61 7.97 39.70
CA SER A 1376 16.47 7.66 40.84
C SER A 1376 16.20 6.26 41.39
N ILE A 1377 14.92 5.87 41.50
CA ILE A 1377 14.55 4.58 42.04
C ILE A 1377 13.67 3.87 41.02
N TYR A 1378 14.03 2.62 40.70
CA TYR A 1378 13.27 1.83 39.73
C TYR A 1378 11.91 1.46 40.28
N ASP A 1379 11.02 1.05 39.38
CA ASP A 1379 9.69 0.58 39.73
C ASP A 1379 9.70 -0.95 39.70
N SER A 1380 9.40 -1.56 40.84
CA SER A 1380 9.53 -3.01 40.98
C SER A 1380 8.56 -3.77 40.08
N LYS A 1381 7.33 -3.29 39.95
CA LYS A 1381 6.28 -4.07 39.30
C LYS A 1381 6.46 -4.04 37.78
N ARG A 1382 6.64 -5.22 37.19
CA ARG A 1382 6.66 -5.35 35.73
C ARG A 1382 6.30 -6.79 35.38
N GLN A 1383 5.05 -7.02 34.99
CA GLN A 1383 4.58 -8.33 34.58
C GLN A 1383 4.44 -8.36 33.06
N SER A 1384 4.83 -9.49 32.47
CA SER A 1384 4.80 -9.64 31.02
C SER A 1384 3.39 -9.52 30.45
N GLY A 1385 2.40 -10.10 31.11
CA GLY A 1385 1.03 -10.08 30.63
C GLY A 1385 0.25 -8.87 31.08
N LYS A 1386 -1.08 -8.96 30.86
CA LYS A 1386 -2.12 -8.01 31.29
C LYS A 1386 -2.25 -6.84 30.32
N THR A 1387 -1.81 -7.02 29.07
CA THR A 1387 -1.73 -5.91 28.13
C THR A 1387 -3.11 -5.65 27.53
N LYS A 1388 -3.54 -4.40 27.60
CA LYS A 1388 -4.90 -4.02 27.21
C LYS A 1388 -4.87 -3.12 25.99
N GLU A 1389 -5.97 -3.17 25.23
CA GLU A 1389 -6.16 -2.44 23.99
C GLU A 1389 -6.49 -0.97 24.18
N THR A 1390 -6.67 -0.51 25.43
CA THR A 1390 -6.97 0.89 25.64
C THR A 1390 -5.75 1.77 25.40
N SER A 1391 -6.00 3.02 25.03
CA SER A 1391 -4.92 4.00 24.88
C SER A 1391 -5.43 5.34 25.40
N VAL A 1392 -4.75 5.88 26.42
CA VAL A 1392 -5.13 7.14 27.05
C VAL A 1392 -4.31 8.26 26.44
N ASN A 1393 -4.99 9.24 25.84
CA ASN A 1393 -4.36 10.41 25.24
C ASN A 1393 -4.78 11.65 26.03
N TRP A 1394 -3.80 12.51 26.34
CA TRP A 1394 -4.07 13.74 27.06
C TRP A 1394 -3.08 14.83 26.68
N CYS A 1395 -3.60 16.04 26.49
CA CYS A 1395 -2.80 17.24 26.29
C CYS A 1395 -3.08 18.21 27.43
N LEU A 1396 -2.14 19.14 27.66
CA LEU A 1396 -2.28 20.05 28.77
C LEU A 1396 -3.51 20.95 28.63
N ALA A 1397 -3.89 21.28 27.40
CA ALA A 1397 -5.04 22.15 27.16
C ALA A 1397 -6.37 21.43 27.33
N ASP A 1398 -6.37 20.10 27.41
CA ASP A 1398 -7.62 19.35 27.52
C ASP A 1398 -8.33 19.64 28.83
N GLY A 1399 -7.63 19.52 29.95
CA GLY A 1399 -8.26 19.58 31.26
C GLY A 1399 -8.34 18.25 31.97
N TYR A 1400 -9.54 17.67 32.07
CA TYR A 1400 -9.71 16.40 32.75
C TYR A 1400 -10.23 15.28 31.84
N ASP A 1401 -10.23 15.48 30.52
CA ASP A 1401 -10.69 14.46 29.59
C ASP A 1401 -9.51 13.60 29.17
N LEU A 1402 -9.49 12.35 29.63
CA LEU A 1402 -8.48 11.36 29.23
C LEU A 1402 -9.07 10.55 28.10
N GLU A 1403 -8.81 10.97 26.87
CA GLU A 1403 -9.43 10.30 25.73
C GLU A 1403 -8.96 8.86 25.65
N ILE A 1404 -9.89 7.96 25.35
CA ILE A 1404 -9.61 6.53 25.30
C ILE A 1404 -9.80 6.06 23.85
N LEU A 1405 -8.78 5.40 23.32
CA LEU A 1405 -8.79 4.90 21.96
C LEU A 1405 -8.55 3.39 21.94
N ASP A 1406 -8.79 2.84 20.76
CA ASP A 1406 -8.66 1.42 20.45
C ASP A 1406 -7.48 1.29 19.50
N GLY A 1407 -6.38 0.68 19.97
CA GLY A 1407 -5.18 0.62 19.15
C GLY A 1407 -5.24 -0.43 18.07
N THR A 1408 -6.02 -1.50 18.28
CA THR A 1408 -6.20 -2.49 17.23
C THR A 1408 -6.91 -1.90 16.02
N ARG A 1409 -7.75 -0.89 16.22
CA ARG A 1409 -8.49 -0.27 15.14
C ARG A 1409 -8.17 1.20 14.93
N GLY A 1410 -7.38 1.83 15.80
CA GLY A 1410 -7.06 3.23 15.64
C GLY A 1410 -8.21 4.20 15.78
N THR A 1411 -9.18 3.92 16.65
CA THR A 1411 -10.30 4.82 16.83
C THR A 1411 -10.77 4.79 18.28
N VAL A 1412 -11.72 5.67 18.59
CA VAL A 1412 -12.19 5.82 19.97
C VAL A 1412 -12.87 4.54 20.44
N ASP A 1413 -12.60 4.18 21.69
CA ASP A 1413 -13.19 2.98 22.26
C ASP A 1413 -14.69 3.16 22.46
N GLY A 1414 -15.43 2.10 22.16
CA GLY A 1414 -16.88 2.12 22.32
C GLY A 1414 -17.59 1.67 21.06
N PRO A 1415 -18.89 1.34 21.20
CA PRO A 1415 -19.65 0.93 20.01
C PRO A 1415 -19.74 2.00 18.94
N ARG A 1416 -19.81 3.28 19.34
CA ARG A 1416 -19.88 4.35 18.36
C ARG A 1416 -18.58 4.45 17.56
N ASN A 1417 -17.45 4.31 18.23
CA ASN A 1417 -16.10 4.39 17.66
C ASN A 1417 -15.98 5.54 16.65
N GLU A 1418 -16.18 6.75 17.17
CA GLU A 1418 -16.11 7.95 16.36
C GLU A 1418 -14.65 8.33 16.13
N LEU A 1419 -14.43 9.48 15.49
CA LEU A 1419 -13.08 9.91 15.16
C LEU A 1419 -12.34 10.37 16.41
N SER A 1420 -11.09 9.94 16.53
CA SER A 1420 -10.25 10.36 17.65
C SER A 1420 -9.73 11.77 17.38
N ARG A 1421 -8.74 12.21 18.17
CA ARG A 1421 -8.17 13.53 17.99
C ARG A 1421 -6.66 13.55 17.83
N VAL A 1422 -6.00 12.41 17.84
CA VAL A 1422 -4.57 12.34 17.56
C VAL A 1422 -4.31 11.68 16.21
N SER A 1423 -5.31 11.66 15.33
CA SER A 1423 -5.23 11.00 14.04
C SER A 1423 -4.82 12.00 12.95
N LYS A 1424 -4.39 11.45 11.83
CA LYS A 1424 -3.89 12.29 10.73
C LYS A 1424 -4.95 13.27 10.26
N LYS A 1425 -6.23 12.86 10.27
CA LYS A 1425 -7.28 13.81 9.93
C LYS A 1425 -7.35 14.95 10.93
N ASN A 1426 -7.26 14.64 12.23
CA ASN A 1426 -7.31 15.70 13.22
C ASN A 1426 -6.08 16.59 13.13
N ILE A 1427 -4.89 15.99 13.11
CA ILE A 1427 -3.66 16.77 13.03
C ILE A 1427 -3.65 17.64 11.78
N PHE A 1428 -4.23 17.14 10.68
CA PHE A 1428 -4.35 17.98 9.49
C PHE A 1428 -5.39 19.09 9.66
N LEU A 1429 -6.45 18.83 10.41
CA LEU A 1429 -7.39 19.90 10.76
C LEU A 1429 -6.70 20.97 11.59
N LEU A 1430 -5.87 20.55 12.54
CA LEU A 1430 -5.07 21.50 13.32
C LEU A 1430 -4.09 22.25 12.44
N PHE A 1431 -3.54 21.57 11.42
CA PHE A 1431 -2.70 22.22 10.43
C PHE A 1431 -3.46 23.32 9.72
N LYS A 1432 -4.69 23.02 9.30
CA LYS A 1432 -5.51 24.05 8.64
C LYS A 1432 -5.84 25.19 9.60
N LYS A 1433 -6.12 24.87 10.86
CA LYS A 1433 -6.37 25.91 11.85
C LYS A 1433 -5.17 26.82 12.04
N LEU A 1434 -3.98 26.23 12.14
CA LEU A 1434 -2.76 27.03 12.25
C LEU A 1434 -2.54 27.88 11.02
N CYS A 1435 -2.76 27.32 9.83
CA CYS A 1435 -2.59 28.08 8.60
C CYS A 1435 -3.55 29.26 8.55
N SER A 1436 -4.81 29.05 8.96
CA SER A 1436 -5.76 30.15 9.01
C SER A 1436 -5.32 31.20 10.04
N PHE A 1437 -4.82 30.75 11.19
CA PHE A 1437 -4.28 31.67 12.19
C PHE A 1437 -3.04 32.39 11.67
N ARG A 1438 -2.18 31.68 10.95
CA ARG A 1438 -0.94 32.24 10.42
C ARG A 1438 -1.07 32.76 9.00
N TYR A 1439 -2.30 32.77 8.45
CA TYR A 1439 -2.56 33.29 7.10
C TYR A 1439 -1.75 32.56 6.05
N ARG A 1440 -1.58 31.25 6.23
CA ARG A 1440 -0.85 30.42 5.26
C ARG A 1440 -1.80 29.92 4.17
N ARG A 1441 -2.34 30.89 3.41
CA ARG A 1441 -3.31 30.58 2.37
C ARG A 1441 -2.73 29.69 1.29
N ASP A 1442 -1.45 29.90 0.94
CA ASP A 1442 -0.84 29.11 -0.12
C ASP A 1442 -0.82 27.63 0.23
N LEU A 1443 -0.52 27.30 1.48
CA LEU A 1443 -0.54 25.92 1.95
C LEU A 1443 -1.92 25.47 2.41
N LEU A 1444 -2.87 26.40 2.58
CA LEU A 1444 -4.21 26.06 3.04
C LEU A 1444 -5.07 25.38 1.99
N ARG A 1445 -4.69 25.42 0.72
CA ARG A 1445 -5.49 24.84 -0.34
C ARG A 1445 -4.71 23.79 -1.11
N LEU A 1446 -3.98 22.94 -0.38
CA LEU A 1446 -3.13 21.93 -0.97
C LEU A 1446 -3.31 20.63 -0.18
N SER A 1447 -2.70 19.55 -0.65
CA SER A 1447 -2.93 18.23 -0.08
C SER A 1447 -1.87 17.86 0.96
N TYR A 1448 -1.92 16.62 1.44
CA TYR A 1448 -1.11 16.20 2.58
C TYR A 1448 0.33 15.94 2.19
N GLY A 1449 0.55 14.99 1.28
CA GLY A 1449 1.92 14.68 0.86
C GLY A 1449 2.59 15.88 0.19
N GLU A 1450 1.81 16.67 -0.55
CA GLU A 1450 2.34 17.88 -1.13
C GLU A 1450 2.75 18.88 -0.05
N ALA A 1451 2.01 18.91 1.07
CA ALA A 1451 2.39 19.79 2.17
C ALA A 1451 3.65 19.31 2.86
N LYS A 1452 3.81 17.99 2.99
CA LYS A 1452 5.04 17.46 3.56
C LYS A 1452 6.24 17.77 2.67
N LYS A 1453 6.05 17.65 1.35
CA LYS A 1453 7.13 17.95 0.42
C LYS A 1453 7.38 19.45 0.25
N ALA A 1454 6.38 20.29 0.53
CA ALA A 1454 6.54 21.74 0.35
C ALA A 1454 7.59 22.33 1.28
N ALA A 1455 7.94 21.63 2.36
CA ALA A 1455 9.04 22.07 3.21
C ALA A 1455 10.34 21.72 2.50
N ARG A 1456 10.81 22.63 1.66
CA ARG A 1456 11.98 22.37 0.84
C ARG A 1456 13.19 22.04 1.69
N ASP A 1457 13.43 22.84 2.74
CA ASP A 1457 14.56 22.60 3.62
C ASP A 1457 14.42 21.25 4.34
N TYR A 1458 13.24 21.00 4.92
CA TYR A 1458 13.05 19.74 5.63
C TYR A 1458 13.10 18.57 4.67
N GLU A 1459 12.53 18.72 3.47
CA GLU A 1459 12.56 17.63 2.50
C GLU A 1459 13.99 17.30 2.07
N THR A 1460 14.80 18.33 1.81
CA THR A 1460 16.19 18.10 1.43
C THR A 1460 16.98 17.48 2.60
N ALA A 1461 16.72 17.95 3.82
CA ALA A 1461 17.38 17.36 4.98
C ALA A 1461 16.98 15.90 5.16
N LYS A 1462 15.70 15.59 4.94
CA LYS A 1462 15.24 14.21 5.04
C LYS A 1462 15.88 13.34 3.97
N ASN A 1463 16.01 13.88 2.75
CA ASN A 1463 16.64 13.11 1.68
C ASN A 1463 18.11 12.86 1.98
N TYR A 1464 18.80 13.86 2.51
CA TYR A 1464 20.19 13.65 2.95
C TYR A 1464 20.25 12.62 4.06
N PHE A 1465 19.28 12.65 4.97
CA PHE A 1465 19.22 11.66 6.04
C PHE A 1465 19.12 10.24 5.48
N LYS A 1466 18.17 10.00 4.56
CA LYS A 1466 18.04 8.67 3.99
C LYS A 1466 19.26 8.29 3.15
N LYS A 1467 19.81 9.24 2.40
CA LYS A 1467 20.99 8.95 1.60
C LYS A 1467 22.17 8.52 2.46
N GLY A 1468 22.42 9.26 3.55
CA GLY A 1468 23.50 8.89 4.44
C GLY A 1468 23.25 7.59 5.17
N LEU A 1469 22.00 7.37 5.60
CA LEU A 1469 21.66 6.11 6.26
C LEU A 1469 21.89 4.94 5.31
N LYS A 1470 21.61 5.13 4.02
CA LYS A 1470 21.87 4.07 3.04
C LYS A 1470 23.36 3.90 2.79
N ASP A 1471 24.11 5.01 2.77
CA ASP A 1471 25.55 4.93 2.51
C ASP A 1471 26.28 4.21 3.63
N MET A 1472 25.88 4.43 4.88
CA MET A 1472 26.51 3.72 5.99
C MET A 1472 25.99 2.30 6.17
N GLY A 1473 25.27 1.77 5.19
CA GLY A 1473 24.75 0.41 5.28
C GLY A 1473 23.70 0.21 6.36
N TYR A 1474 22.78 1.16 6.50
CA TYR A 1474 21.69 1.07 7.46
C TYR A 1474 20.36 0.74 6.80
N GLY A 1475 19.95 1.52 5.81
CA GLY A 1475 18.74 1.23 5.08
C GLY A 1475 18.03 2.50 4.65
N ASN A 1476 17.05 2.32 3.77
CA ASN A 1476 16.24 3.42 3.27
C ASN A 1476 15.13 3.72 4.28
N TRP A 1477 14.18 4.57 3.90
CA TRP A 1477 13.13 5.01 4.82
C TRP A 1477 11.81 4.41 4.35
N ILE A 1478 11.54 3.17 4.80
CA ILE A 1478 10.30 2.49 4.43
C ILE A 1478 9.11 3.32 4.89
N SER A 1479 8.16 3.55 3.98
CA SER A 1479 7.06 4.45 4.24
C SER A 1479 5.74 3.77 3.93
N LYS A 1480 4.66 4.53 4.08
CA LYS A 1480 3.32 4.06 3.75
C LYS A 1480 3.09 4.18 2.25
N PRO A 1481 2.06 3.52 1.73
CA PRO A 1481 1.71 3.72 0.32
C PRO A 1481 1.43 5.19 0.04
N GLN A 1482 1.84 5.64 -1.16
CA GLN A 1482 1.80 7.06 -1.46
C GLN A 1482 0.37 7.60 -1.49
N GLU A 1483 -0.61 6.76 -1.77
CA GLU A 1483 -2.00 7.20 -1.75
C GLU A 1483 -2.61 7.21 -0.35
N GLU A 1484 -1.90 6.65 0.63
CA GLU A 1484 -2.31 6.77 2.03
C GLU A 1484 -1.72 8.00 2.70
N LYS A 1485 -0.52 8.40 2.31
CA LYS A 1485 0.12 9.59 2.83
C LYS A 1485 -0.30 10.85 2.08
N ASN A 1486 -1.23 10.72 1.14
CA ASN A 1486 -1.75 11.86 0.38
C ASN A 1486 -3.24 11.65 0.21
N PHE A 1487 -4.04 12.49 0.87
CA PHE A 1487 -5.48 12.38 0.79
C PHE A 1487 -6.08 13.78 0.88
N TYR A 1488 -7.42 13.83 0.84
CA TYR A 1488 -8.16 15.07 0.95
C TYR A 1488 -9.25 14.90 2.01
N LEU A 1489 -9.91 16.00 2.33
CA LEU A 1489 -10.96 16.00 3.34
C LEU A 1489 -12.26 16.56 2.76
N PHE B 1106 -26.82 -18.03 -7.22
CA PHE B 1106 -26.23 -17.64 -8.49
C PHE B 1106 -24.71 -17.53 -8.36
N HIS B 1107 -24.25 -16.41 -7.81
CA HIS B 1107 -22.81 -16.19 -7.70
C HIS B 1107 -22.15 -17.18 -6.75
N ASP B 1108 -22.87 -17.63 -5.72
CA ASP B 1108 -22.32 -18.66 -4.85
C ASP B 1108 -22.13 -19.96 -5.61
N GLN B 1109 -23.05 -20.27 -6.54
CA GLN B 1109 -22.87 -21.42 -7.42
C GLN B 1109 -21.64 -21.26 -8.29
N ILE B 1110 -21.43 -20.05 -8.83
CA ILE B 1110 -20.25 -19.80 -9.66
C ILE B 1110 -18.97 -20.04 -8.86
N ALA B 1111 -18.92 -19.48 -7.65
CA ALA B 1111 -17.74 -19.64 -6.81
C ALA B 1111 -17.50 -21.10 -6.45
N MET B 1112 -18.55 -21.81 -6.08
CA MET B 1112 -18.40 -23.22 -5.71
C MET B 1112 -17.94 -24.05 -6.90
N LEU B 1113 -18.50 -23.79 -8.09
CA LEU B 1113 -18.06 -24.49 -9.29
C LEU B 1113 -16.58 -24.24 -9.58
N SER B 1114 -16.16 -22.98 -9.50
CA SER B 1114 -14.77 -22.65 -9.77
C SER B 1114 -13.85 -23.35 -8.76
N HIS B 1115 -14.22 -23.30 -7.49
CA HIS B 1115 -13.36 -23.88 -6.45
C HIS B 1115 -13.31 -25.40 -6.54
N ARG B 1116 -14.44 -26.06 -6.83
CA ARG B 1116 -14.42 -27.50 -6.99
C ARG B 1116 -13.58 -27.90 -8.19
N CYS B 1117 -13.66 -27.13 -9.29
CA CYS B 1117 -12.81 -27.43 -10.44
C CYS B 1117 -11.34 -27.26 -10.09
N PHE B 1118 -11.00 -26.21 -9.33
CA PHE B 1118 -9.61 -26.06 -8.90
C PHE B 1118 -9.17 -27.25 -8.05
N ASN B 1119 -10.02 -27.69 -7.13
CA ASN B 1119 -9.67 -28.83 -6.30
C ASN B 1119 -9.49 -30.09 -7.16
N THR B 1120 -10.36 -30.29 -8.14
CA THR B 1120 -10.26 -31.44 -9.02
C THR B 1120 -8.96 -31.44 -9.81
N LEU B 1121 -8.54 -30.26 -10.28
CA LEU B 1121 -7.25 -30.17 -10.95
C LEU B 1121 -6.09 -30.44 -10.00
N THR B 1122 -6.21 -30.04 -8.74
CA THR B 1122 -5.14 -30.20 -7.77
C THR B 1122 -5.25 -31.45 -6.88
N ASN B 1123 -6.24 -32.32 -7.11
CA ASN B 1123 -6.28 -33.55 -6.33
C ASN B 1123 -5.07 -34.44 -6.64
N SER B 1124 -4.71 -34.57 -7.92
CA SER B 1124 -3.54 -35.36 -8.29
C SER B 1124 -2.25 -34.79 -7.74
N PHE B 1125 -2.22 -33.50 -7.42
CA PHE B 1125 -1.04 -32.87 -6.84
C PHE B 1125 -1.10 -32.85 -5.33
N LYS B 1133 -5.39 -18.54 -1.69
CA LYS B 1133 -4.59 -17.99 -2.78
C LYS B 1133 -5.49 -17.38 -3.85
N ILE B 1134 -4.95 -16.40 -4.57
CA ILE B 1134 -5.73 -15.72 -5.60
C ILE B 1134 -6.13 -16.71 -6.70
N LEU B 1135 -7.28 -16.45 -7.32
CA LEU B 1135 -7.78 -17.30 -8.39
C LEU B 1135 -8.73 -16.50 -9.28
N ALA B 1136 -8.59 -16.72 -10.58
CA ALA B 1136 -9.52 -16.23 -11.59
C ALA B 1136 -9.88 -17.39 -12.49
N ALA B 1137 -11.11 -17.39 -12.97
CA ALA B 1137 -11.59 -18.49 -13.80
C ALA B 1137 -12.69 -17.99 -14.71
N ILE B 1138 -12.81 -18.65 -15.86
CA ILE B 1138 -13.84 -18.37 -16.85
C ILE B 1138 -14.59 -19.67 -17.10
N ILE B 1139 -15.91 -19.63 -16.89
CA ILE B 1139 -16.79 -20.77 -17.05
C ILE B 1139 -17.77 -20.49 -18.18
N MET B 1140 -18.31 -21.56 -18.75
CA MET B 1140 -19.25 -21.48 -19.85
C MET B 1140 -20.58 -22.11 -19.43
N LYS B 1141 -21.67 -21.46 -19.82
CA LYS B 1141 -23.02 -21.94 -19.55
C LYS B 1141 -23.78 -22.06 -20.86
N LYS B 1142 -24.16 -23.29 -21.22
CA LYS B 1142 -24.97 -23.49 -22.41
C LYS B 1142 -26.37 -22.91 -22.24
N ASP B 1143 -26.97 -23.10 -21.08
CA ASP B 1143 -28.29 -22.58 -20.79
C ASP B 1143 -28.43 -22.40 -19.28
N SER B 1144 -29.56 -21.81 -18.87
CA SER B 1144 -29.82 -21.60 -17.45
C SER B 1144 -29.91 -22.92 -16.70
N GLU B 1145 -30.53 -23.92 -17.31
CA GLU B 1145 -30.70 -25.22 -16.65
C GLU B 1145 -29.36 -25.91 -16.41
N ASP B 1146 -28.44 -25.81 -17.36
CA ASP B 1146 -27.15 -26.47 -17.22
C ASP B 1146 -26.34 -25.84 -16.10
N MET B 1147 -25.59 -26.67 -15.38
CA MET B 1147 -24.83 -26.19 -14.24
C MET B 1147 -23.69 -25.27 -14.69
N GLY B 1148 -22.99 -25.63 -15.74
CA GLY B 1148 -21.85 -24.87 -16.21
C GLY B 1148 -20.56 -25.65 -16.02
N VAL B 1149 -19.60 -25.36 -16.90
CA VAL B 1149 -18.30 -26.03 -16.90
C VAL B 1149 -17.22 -24.99 -17.14
N VAL B 1150 -16.05 -25.21 -16.52
CA VAL B 1150 -14.95 -24.26 -16.61
C VAL B 1150 -14.29 -24.36 -17.97
N VAL B 1151 -13.79 -23.24 -18.46
CA VAL B 1151 -13.00 -23.22 -19.68
C VAL B 1151 -11.62 -22.60 -19.49
N SER B 1152 -11.43 -21.77 -18.48
CA SER B 1152 -10.13 -21.15 -18.24
C SER B 1152 -9.93 -20.98 -16.74
N LEU B 1153 -8.69 -21.10 -16.29
CA LEU B 1153 -8.37 -20.99 -14.87
C LEU B 1153 -6.94 -20.53 -14.71
N GLY B 1154 -6.71 -19.60 -13.77
CA GLY B 1154 -5.37 -19.09 -13.54
C GLY B 1154 -5.23 -18.45 -12.18
N THR B 1155 -3.97 -18.31 -11.77
CA THR B 1155 -3.60 -17.66 -10.51
C THR B 1155 -2.38 -16.79 -10.78
N GLY B 1156 -1.83 -16.23 -9.72
CA GLY B 1156 -0.59 -15.49 -9.84
C GLY B 1156 -0.77 -14.01 -9.57
N ASN B 1157 0.29 -13.37 -9.06
CA ASN B 1157 0.28 -11.94 -8.76
C ASN B 1157 1.61 -11.28 -9.12
N ARG B 1158 2.31 -11.78 -10.13
CA ARG B 1158 3.67 -11.36 -10.41
C ARG B 1158 3.81 -10.87 -11.84
N CYS B 1159 4.84 -10.07 -12.07
CA CYS B 1159 5.17 -9.54 -13.38
C CYS B 1159 6.68 -9.61 -13.57
N VAL B 1160 7.12 -9.73 -14.83
CA VAL B 1160 8.54 -9.93 -15.09
C VAL B 1160 9.30 -8.62 -14.89
N LYS B 1161 10.61 -8.76 -14.69
CA LYS B 1161 11.48 -7.62 -14.47
C LYS B 1161 11.91 -7.01 -15.79
N GLY B 1162 12.79 -6.02 -15.72
CA GLY B 1162 13.28 -5.33 -16.89
C GLY B 1162 14.47 -5.96 -17.56
N ASP B 1163 14.93 -7.13 -17.08
CA ASP B 1163 16.08 -7.80 -17.64
C ASP B 1163 15.74 -9.08 -18.39
N SER B 1164 14.58 -9.68 -18.12
CA SER B 1164 14.16 -10.91 -18.79
C SER B 1164 13.31 -10.64 -20.01
N LEU B 1165 13.39 -9.43 -20.58
CA LEU B 1165 12.63 -9.12 -21.79
C LEU B 1165 13.12 -9.97 -22.95
N SER B 1166 12.19 -10.41 -23.79
CA SER B 1166 12.50 -11.22 -24.96
C SER B 1166 12.25 -10.40 -26.21
N LEU B 1167 13.28 -10.27 -27.05
CA LEU B 1167 13.11 -9.59 -28.33
C LEU B 1167 12.27 -10.42 -29.29
N LYS B 1168 12.33 -11.74 -29.19
CA LYS B 1168 11.58 -12.64 -30.04
C LYS B 1168 10.28 -13.11 -29.39
N GLY B 1169 9.95 -12.62 -28.20
CA GLY B 1169 8.71 -12.98 -27.55
C GLY B 1169 8.66 -14.44 -27.15
N GLU B 1170 9.75 -14.92 -26.55
CA GLU B 1170 9.81 -16.29 -26.03
C GLU B 1170 9.44 -16.36 -24.56
N THR B 1171 9.17 -15.23 -23.90
CA THR B 1171 8.86 -15.21 -22.48
C THR B 1171 7.56 -14.47 -22.24
N VAL B 1172 6.74 -15.02 -21.36
CA VAL B 1172 5.47 -14.39 -21.00
C VAL B 1172 5.73 -13.32 -19.95
N ASN B 1173 5.13 -12.15 -20.14
CA ASN B 1173 5.42 -11.00 -19.28
C ASN B 1173 4.42 -10.92 -18.12
N ASP B 1174 3.14 -10.70 -18.44
CA ASP B 1174 2.12 -10.49 -17.43
C ASP B 1174 1.66 -11.85 -16.91
N CYS B 1175 2.04 -12.17 -15.67
CA CYS B 1175 1.77 -13.48 -15.09
C CYS B 1175 0.69 -13.46 -14.02
N HIS B 1176 -0.09 -12.37 -13.92
CA HIS B 1176 -1.17 -12.28 -12.96
C HIS B 1176 -2.24 -13.34 -13.20
N ALA B 1177 -3.27 -13.37 -12.36
CA ALA B 1177 -4.25 -14.46 -12.43
C ALA B 1177 -5.20 -14.27 -13.60
N GLU B 1178 -5.85 -13.11 -13.68
CA GLU B 1178 -6.87 -12.89 -14.71
C GLU B 1178 -6.27 -12.99 -16.10
N ILE B 1179 -5.10 -12.38 -16.30
CA ILE B 1179 -4.51 -12.29 -17.63
C ILE B 1179 -4.12 -13.68 -18.13
N ILE B 1180 -3.51 -14.48 -17.26
CA ILE B 1180 -3.13 -15.83 -17.65
C ILE B 1180 -4.36 -16.70 -17.88
N SER B 1181 -5.43 -16.48 -17.09
CA SER B 1181 -6.68 -17.19 -17.37
C SER B 1181 -7.22 -16.83 -18.75
N ARG B 1182 -7.15 -15.55 -19.11
CA ARG B 1182 -7.64 -15.11 -20.42
C ARG B 1182 -6.84 -15.74 -21.54
N ARG B 1183 -5.51 -15.63 -21.47
CA ARG B 1183 -4.61 -16.39 -22.33
C ARG B 1183 -5.09 -17.83 -22.50
N GLY B 1184 -5.07 -18.61 -21.42
CA GLY B 1184 -5.52 -19.99 -21.49
C GLY B 1184 -6.84 -20.16 -22.22
N PHE B 1185 -7.80 -19.28 -21.95
CA PHE B 1185 -9.07 -19.29 -22.67
C PHE B 1185 -8.87 -19.07 -24.17
N ILE B 1186 -7.90 -18.23 -24.53
CA ILE B 1186 -7.59 -18.01 -25.94
C ILE B 1186 -7.10 -19.31 -26.58
N ARG B 1187 -6.23 -20.03 -25.88
CA ARG B 1187 -5.76 -21.31 -26.39
C ARG B 1187 -6.92 -22.29 -26.56
N PHE B 1188 -7.84 -22.32 -25.59
CA PHE B 1188 -9.02 -23.16 -25.71
C PHE B 1188 -9.86 -22.77 -26.92
N LEU B 1189 -10.00 -21.47 -27.16
CA LEU B 1189 -10.76 -20.98 -28.30
C LEU B 1189 -10.11 -21.38 -29.61
N TYR B 1190 -8.78 -21.33 -29.68
CA TYR B 1190 -8.08 -21.83 -30.87
C TYR B 1190 -8.39 -23.29 -31.12
N SER B 1191 -8.29 -24.12 -30.07
CA SER B 1191 -8.58 -25.54 -30.24
C SER B 1191 -10.02 -25.76 -30.68
N GLU B 1192 -10.95 -25.04 -30.06
CA GLU B 1192 -12.37 -25.20 -30.37
C GLU B 1192 -12.69 -24.79 -31.81
N LEU B 1193 -12.09 -23.70 -32.27
CA LEU B 1193 -12.28 -23.27 -33.66
C LEU B 1193 -11.67 -24.28 -34.63
N MET B 1194 -10.52 -24.84 -34.29
CA MET B 1194 -9.92 -25.87 -35.15
C MET B 1194 -10.81 -27.11 -35.23
N LYS B 1195 -11.50 -27.46 -34.14
CA LYS B 1195 -12.37 -28.63 -34.18
C LYS B 1195 -13.61 -28.43 -35.05
N TYR B 1196 -13.87 -27.21 -35.53
CA TYR B 1196 -15.09 -26.94 -36.28
C TYR B 1196 -15.06 -27.63 -37.64
N ASN B 1197 -16.22 -28.10 -38.06
CA ASN B 1197 -16.43 -28.65 -39.39
C ASN B 1197 -17.91 -28.59 -39.71
N SER B 1198 -18.22 -28.63 -41.01
CA SER B 1198 -19.62 -28.53 -41.44
C SER B 1198 -20.44 -29.74 -41.03
N GLN B 1199 -19.80 -30.89 -40.79
CA GLN B 1199 -20.55 -32.07 -40.37
C GLN B 1199 -21.08 -31.94 -38.95
N THR B 1200 -20.35 -31.26 -38.07
CA THR B 1200 -20.74 -31.19 -36.67
C THR B 1200 -20.95 -29.74 -36.21
N ALA B 1201 -21.64 -28.96 -37.03
CA ALA B 1201 -21.95 -27.58 -36.63
C ALA B 1201 -23.04 -27.52 -35.57
N LYS B 1202 -24.01 -28.42 -35.62
CA LYS B 1202 -25.14 -28.36 -34.70
C LYS B 1202 -24.70 -28.59 -33.25
N ASP B 1203 -23.87 -29.61 -33.01
CA ASP B 1203 -23.38 -29.86 -31.67
C ASP B 1203 -22.29 -28.90 -31.24
N SER B 1204 -21.64 -28.24 -32.19
CA SER B 1204 -20.59 -27.30 -31.85
C SER B 1204 -21.17 -25.97 -31.41
N ILE B 1205 -20.42 -25.28 -30.54
CA ILE B 1205 -20.81 -23.96 -30.04
C ILE B 1205 -20.56 -22.84 -31.03
N PHE B 1206 -20.09 -23.15 -32.23
CA PHE B 1206 -19.86 -22.15 -33.26
C PHE B 1206 -20.93 -22.24 -34.34
N GLU B 1207 -21.34 -21.08 -34.85
CA GLU B 1207 -22.26 -20.98 -35.97
C GLU B 1207 -21.75 -19.94 -36.95
N PRO B 1208 -22.00 -20.13 -38.24
CA PRO B 1208 -21.56 -19.12 -39.22
C PRO B 1208 -22.20 -17.76 -38.96
N ALA B 1209 -21.41 -16.72 -39.18
CA ALA B 1209 -21.84 -15.35 -38.94
C ALA B 1209 -22.31 -14.72 -40.25
N LYS B 1210 -22.64 -13.43 -40.18
CA LYS B 1210 -23.09 -12.70 -41.35
C LYS B 1210 -21.98 -12.65 -42.40
N GLY B 1211 -22.33 -13.00 -43.64
CA GLY B 1211 -21.39 -13.05 -44.72
C GLY B 1211 -20.73 -14.39 -44.93
N GLY B 1212 -20.75 -15.27 -43.92
CA GLY B 1212 -20.21 -16.60 -44.04
C GLY B 1212 -18.71 -16.71 -43.94
N GLU B 1213 -17.99 -15.59 -43.86
CA GLU B 1213 -16.54 -15.65 -43.79
C GLU B 1213 -16.06 -16.11 -42.41
N LYS B 1214 -16.69 -15.62 -41.36
CA LYS B 1214 -16.23 -15.83 -39.99
C LYS B 1214 -17.28 -16.58 -39.19
N LEU B 1215 -16.81 -17.35 -38.21
CA LEU B 1215 -17.67 -18.03 -37.25
C LEU B 1215 -18.08 -17.07 -36.14
N GLN B 1216 -18.94 -17.55 -35.24
CA GLN B 1216 -19.28 -16.80 -34.04
C GLN B 1216 -19.81 -17.78 -33.01
N ILE B 1217 -19.83 -17.33 -31.75
CA ILE B 1217 -20.38 -18.13 -30.67
C ILE B 1217 -21.91 -18.09 -30.73
N LYS B 1218 -22.54 -19.12 -30.19
CA LYS B 1218 -24.00 -19.19 -30.20
C LYS B 1218 -24.60 -18.20 -29.21
N LYS B 1219 -25.87 -17.88 -29.42
CA LYS B 1219 -26.53 -16.88 -28.60
C LYS B 1219 -26.85 -17.39 -27.20
N THR B 1220 -27.15 -18.68 -27.05
CA THR B 1220 -27.52 -19.21 -25.74
C THR B 1220 -26.32 -19.35 -24.82
N VAL B 1221 -25.13 -19.55 -25.37
CA VAL B 1221 -23.94 -19.81 -24.58
C VAL B 1221 -23.39 -18.51 -24.01
N SER B 1222 -23.03 -18.54 -22.72
CA SER B 1222 -22.52 -17.36 -22.04
C SER B 1222 -21.25 -17.72 -21.26
N PHE B 1223 -20.41 -16.71 -21.02
CA PHE B 1223 -19.15 -16.87 -20.31
C PHE B 1223 -19.13 -15.99 -19.07
N HIS B 1224 -18.70 -16.57 -17.94
CA HIS B 1224 -18.68 -15.89 -16.66
C HIS B 1224 -17.28 -15.95 -16.06
N LEU B 1225 -16.96 -14.96 -15.23
CA LEU B 1225 -15.64 -14.82 -14.63
C LEU B 1225 -15.77 -14.77 -13.11
N TYR B 1226 -14.92 -15.52 -12.44
CA TYR B 1226 -14.82 -15.52 -10.99
C TYR B 1226 -13.40 -15.13 -10.59
N ILE B 1227 -13.27 -14.13 -9.73
CA ILE B 1227 -11.96 -13.73 -9.21
C ILE B 1227 -12.02 -13.84 -7.69
N SER B 1228 -11.07 -14.59 -7.13
CA SER B 1228 -11.10 -14.88 -5.70
C SER B 1228 -10.90 -13.64 -4.83
N THR B 1229 -10.41 -12.54 -5.40
CA THR B 1229 -10.24 -11.29 -4.67
C THR B 1229 -10.41 -10.16 -5.67
N ALA B 1230 -10.59 -8.95 -5.17
CA ALA B 1230 -10.72 -7.81 -6.06
C ALA B 1230 -9.46 -7.69 -6.92
N PRO B 1231 -9.59 -7.42 -8.22
CA PRO B 1231 -8.41 -7.29 -9.07
C PRO B 1231 -7.59 -6.07 -8.68
N CYS B 1232 -6.27 -6.18 -8.87
CA CYS B 1232 -5.38 -5.07 -8.58
C CYS B 1232 -5.70 -3.89 -9.47
N GLY B 1233 -5.08 -2.76 -9.18
CA GLY B 1233 -5.35 -1.54 -9.90
C GLY B 1233 -6.52 -0.80 -9.30
N ASP B 1234 -7.45 -0.37 -10.14
CA ASP B 1234 -8.59 0.43 -9.71
C ASP B 1234 -9.70 -0.40 -9.09
N GLY B 1235 -9.43 -1.66 -8.72
CA GLY B 1235 -10.46 -2.53 -8.18
C GLY B 1235 -10.41 -2.71 -6.67
N ALA B 1236 -9.34 -2.21 -6.04
CA ALA B 1236 -9.18 -2.33 -4.60
C ALA B 1236 -8.93 -0.98 -3.95
N LEU B 1237 -9.49 0.08 -4.52
CA LEU B 1237 -9.33 1.43 -3.99
C LEU B 1237 -10.52 1.81 -3.12
N PHE B 1238 -10.65 1.12 -2.00
CA PHE B 1238 -11.65 1.47 -1.00
C PHE B 1238 -11.20 0.98 0.37
N ASP B 1239 -11.48 1.79 1.39
CA ASP B 1239 -11.17 1.45 2.77
C ASP B 1239 -12.38 0.78 3.42
N LYS B 1240 -12.35 0.64 4.73
CA LYS B 1240 -13.45 0.02 5.47
C LYS B 1240 -14.66 0.93 5.61
N SER B 1241 -14.53 2.23 5.33
CA SER B 1241 -15.65 3.15 5.42
C SER B 1241 -16.72 2.80 4.38
N SER B 1249 -28.42 -11.10 -5.92
CA SER B 1249 -28.41 -10.92 -7.37
C SER B 1249 -29.69 -10.23 -7.84
N THR B 1250 -30.31 -9.46 -6.93
CA THR B 1250 -31.56 -8.79 -7.25
C THR B 1250 -31.37 -7.73 -8.32
N GLU B 1251 -30.27 -6.98 -8.26
CA GLU B 1251 -30.09 -5.83 -9.12
C GLU B 1251 -29.75 -6.24 -10.54
N SER B 1252 -29.91 -5.30 -11.47
CA SER B 1252 -29.49 -5.49 -12.85
C SER B 1252 -28.86 -4.26 -13.47
N ARG B 1253 -28.97 -3.09 -12.84
CA ARG B 1253 -28.33 -1.87 -13.33
C ARG B 1253 -26.98 -1.68 -12.66
N HIS B 1254 -26.03 -1.14 -13.43
CA HIS B 1254 -24.69 -0.90 -12.93
C HIS B 1254 -24.59 0.51 -12.35
N TYR B 1255 -24.16 0.59 -11.10
CA TYR B 1255 -23.98 1.87 -10.41
C TYR B 1255 -22.54 1.98 -9.91
N PRO B 1256 -21.70 2.75 -10.57
CA PRO B 1256 -20.32 2.94 -10.11
C PRO B 1256 -20.24 4.06 -9.09
N VAL B 1257 -19.09 4.15 -8.44
CA VAL B 1257 -18.79 5.23 -7.50
C VAL B 1257 -17.58 6.00 -8.03
N PHE B 1258 -17.71 7.33 -8.07
CA PHE B 1258 -16.61 8.21 -8.48
C PHE B 1258 -16.46 9.26 -7.38
N GLU B 1259 -15.50 9.04 -6.48
CA GLU B 1259 -15.31 9.91 -5.32
C GLU B 1259 -14.11 10.85 -5.49
N ASN B 1260 -12.96 10.31 -5.85
CA ASN B 1260 -11.76 11.13 -6.00
C ASN B 1260 -11.13 10.88 -7.36
N PRO B 1261 -10.40 11.87 -7.89
CA PRO B 1261 -9.78 11.70 -9.21
C PRO B 1261 -8.79 10.54 -9.28
N LYS B 1262 -8.31 10.04 -8.14
CA LYS B 1262 -7.41 8.90 -8.16
C LYS B 1262 -8.08 7.68 -8.78
N GLN B 1263 -9.37 7.48 -8.48
CA GLN B 1263 -10.12 6.39 -9.09
C GLN B 1263 -10.23 6.58 -10.60
N GLY B 1264 -9.91 5.54 -11.35
CA GLY B 1264 -9.95 5.57 -12.79
C GLY B 1264 -8.61 5.71 -13.46
N LYS B 1265 -7.60 6.17 -12.72
CA LYS B 1265 -6.26 6.33 -13.30
C LYS B 1265 -5.66 4.97 -13.62
N LEU B 1266 -5.07 4.87 -14.81
CA LEU B 1266 -4.39 3.64 -15.18
C LEU B 1266 -3.21 3.41 -14.26
N ARG B 1267 -2.95 2.15 -13.94
CA ARG B 1267 -1.89 1.79 -13.01
C ARG B 1267 -1.01 0.72 -13.63
N THR B 1268 0.25 0.70 -13.21
CA THR B 1268 1.26 -0.22 -13.71
C THR B 1268 1.77 -1.07 -12.56
N LYS B 1269 1.95 -2.37 -12.82
CA LYS B 1269 2.46 -3.25 -11.79
C LYS B 1269 3.89 -2.88 -11.42
N VAL B 1270 4.26 -3.17 -10.18
CA VAL B 1270 5.61 -2.97 -9.71
C VAL B 1270 6.32 -4.31 -9.69
N GLU B 1271 7.65 -4.26 -9.77
CA GLU B 1271 8.45 -5.47 -9.62
C GLU B 1271 8.63 -5.79 -8.13
N ASN B 1272 8.53 -7.08 -7.81
CA ASN B 1272 8.57 -7.56 -6.43
C ASN B 1272 7.47 -6.90 -5.58
N GLY B 1273 6.23 -7.22 -5.96
CA GLY B 1273 5.08 -6.71 -5.23
C GLY B 1273 3.74 -7.09 -5.84
N GLU B 1274 2.71 -7.12 -5.00
CA GLU B 1274 1.35 -7.38 -5.46
C GLU B 1274 0.66 -6.11 -5.96
N GLY B 1275 1.07 -4.95 -5.49
CA GLY B 1275 0.37 -3.72 -5.76
C GLY B 1275 0.65 -3.15 -7.13
N THR B 1276 0.28 -1.87 -7.29
CA THR B 1276 0.51 -1.12 -8.50
C THR B 1276 0.95 0.29 -8.12
N ILE B 1277 1.39 1.05 -9.13
CA ILE B 1277 1.67 2.46 -8.96
C ILE B 1277 1.03 3.20 -10.13
N PRO B 1278 0.51 4.42 -9.93
CA PRO B 1278 -0.09 5.14 -11.06
C PRO B 1278 0.94 5.46 -12.13
N VAL B 1279 0.47 5.54 -13.36
CA VAL B 1279 1.33 5.84 -14.50
C VAL B 1279 1.88 7.26 -14.40
N ARG B 1296 12.84 1.19 -18.63
CA ARG B 1296 12.23 0.32 -17.63
C ARG B 1296 10.95 -0.31 -18.18
N LEU B 1297 10.83 -1.63 -18.03
CA LEU B 1297 9.67 -2.34 -18.54
C LEU B 1297 8.47 -2.09 -17.63
N ARG B 1298 7.31 -1.86 -18.25
CA ARG B 1298 6.09 -1.56 -17.51
C ARG B 1298 4.93 -2.34 -18.09
N THR B 1299 4.18 -3.02 -17.23
CA THR B 1299 2.98 -3.75 -17.61
C THR B 1299 1.77 -3.14 -16.92
N MET B 1300 0.61 -3.23 -17.55
CA MET B 1300 -0.58 -2.58 -17.03
C MET B 1300 -1.26 -3.44 -15.96
N SER B 1301 -2.07 -2.79 -15.13
CA SER B 1301 -2.68 -3.46 -14.00
C SER B 1301 -3.79 -4.39 -14.47
N CYS B 1302 -4.19 -5.31 -13.58
CA CYS B 1302 -5.16 -6.34 -13.95
C CYS B 1302 -6.51 -5.74 -14.29
N SER B 1303 -6.98 -4.76 -13.52
CA SER B 1303 -8.30 -4.19 -13.77
C SER B 1303 -8.35 -3.50 -15.13
N ASP B 1304 -7.27 -2.81 -15.50
CA ASP B 1304 -7.22 -2.18 -16.81
C ASP B 1304 -7.33 -3.20 -17.92
N LYS B 1305 -6.46 -4.21 -17.91
CA LYS B 1305 -6.55 -5.34 -18.83
C LYS B 1305 -7.95 -5.99 -18.90
N ILE B 1306 -8.62 -6.22 -17.77
CA ILE B 1306 -10.02 -6.66 -17.82
C ILE B 1306 -10.99 -5.57 -18.27
N LEU B 1307 -10.53 -4.34 -18.42
CA LEU B 1307 -11.33 -3.37 -19.18
C LEU B 1307 -11.06 -3.51 -20.68
N ARG B 1308 -9.79 -3.77 -21.02
CA ARG B 1308 -9.39 -3.97 -22.40
C ARG B 1308 -10.11 -5.16 -23.01
N TRP B 1309 -10.24 -6.26 -22.26
CA TRP B 1309 -11.01 -7.40 -22.75
C TRP B 1309 -12.45 -7.00 -23.02
N ASN B 1310 -13.10 -6.38 -22.02
CA ASN B 1310 -14.52 -6.07 -22.15
C ASN B 1310 -14.77 -5.13 -23.32
N VAL B 1311 -13.79 -4.29 -23.67
CA VAL B 1311 -13.98 -3.40 -24.82
C VAL B 1311 -13.65 -4.12 -26.13
N LEU B 1312 -12.52 -4.81 -26.19
CA LEU B 1312 -12.02 -5.43 -27.41
C LEU B 1312 -12.38 -6.91 -27.53
N GLY B 1313 -13.15 -7.46 -26.60
CA GLY B 1313 -13.47 -8.86 -26.61
C GLY B 1313 -12.36 -9.72 -26.03
N LEU B 1314 -12.72 -10.97 -25.75
CA LEU B 1314 -11.81 -11.97 -25.22
C LEU B 1314 -11.15 -12.81 -26.30
N GLN B 1315 -11.39 -12.49 -27.57
CA GLN B 1315 -10.99 -13.33 -28.69
C GLN B 1315 -9.54 -13.10 -29.10
N GLY B 1316 -8.79 -12.26 -28.39
CA GLY B 1316 -7.38 -12.07 -28.70
C GLY B 1316 -7.18 -11.18 -29.90
N ALA B 1317 -5.98 -11.30 -30.49
CA ALA B 1317 -5.59 -10.46 -31.61
C ALA B 1317 -5.58 -11.16 -32.95
N LEU B 1318 -5.08 -12.39 -33.00
CA LEU B 1318 -4.99 -13.13 -34.25
C LEU B 1318 -6.28 -13.86 -34.63
N LEU B 1319 -7.25 -13.97 -33.72
CA LEU B 1319 -8.47 -14.71 -34.01
C LEU B 1319 -9.61 -13.86 -34.55
N THR B 1320 -9.43 -12.54 -34.68
CA THR B 1320 -10.48 -11.72 -35.26
C THR B 1320 -10.61 -11.91 -36.77
N HIS B 1321 -9.66 -12.58 -37.41
CA HIS B 1321 -9.83 -12.89 -38.82
C HIS B 1321 -11.01 -13.82 -39.05
N PHE B 1322 -11.18 -14.81 -38.16
CA PHE B 1322 -12.18 -15.85 -38.33
C PHE B 1322 -13.28 -15.84 -37.28
N LEU B 1323 -13.09 -15.15 -36.15
CA LEU B 1323 -14.02 -15.23 -35.03
C LEU B 1323 -14.53 -13.85 -34.66
N GLN B 1324 -15.84 -13.77 -34.40
CA GLN B 1324 -16.41 -12.58 -33.80
C GLN B 1324 -15.98 -12.48 -32.34
N PRO B 1325 -15.94 -11.26 -31.78
CA PRO B 1325 -15.47 -11.10 -30.40
C PRO B 1325 -16.35 -11.85 -29.41
N ILE B 1326 -15.73 -12.27 -28.31
CA ILE B 1326 -16.39 -13.02 -27.24
C ILE B 1326 -16.23 -12.23 -25.95
N TYR B 1327 -17.31 -12.10 -25.20
CA TYR B 1327 -17.34 -11.26 -24.00
C TYR B 1327 -17.72 -12.07 -22.77
N LEU B 1328 -17.81 -11.37 -21.64
CA LEU B 1328 -18.19 -11.94 -20.36
C LEU B 1328 -19.69 -11.70 -20.08
N LYS B 1329 -20.18 -12.34 -19.03
CA LYS B 1329 -21.59 -12.20 -18.66
C LYS B 1329 -21.75 -11.84 -17.18
N SER B 1330 -20.84 -12.29 -16.32
CA SER B 1330 -20.91 -12.00 -14.90
C SER B 1330 -19.53 -12.07 -14.30
N VAL B 1331 -19.35 -11.43 -13.15
CA VAL B 1331 -18.10 -11.42 -12.40
C VAL B 1331 -18.41 -11.66 -10.93
N THR B 1332 -17.63 -12.53 -10.30
CA THR B 1332 -17.86 -12.97 -8.92
C THR B 1332 -16.63 -12.70 -8.05
N LEU B 1333 -16.71 -11.73 -7.14
CA LEU B 1333 -15.58 -11.34 -6.29
C LEU B 1333 -15.76 -11.93 -4.89
N GLY B 1334 -15.27 -13.16 -4.73
CA GLY B 1334 -15.44 -13.96 -3.52
C GLY B 1334 -14.77 -13.46 -2.24
N TYR B 1335 -13.91 -12.45 -2.28
CA TYR B 1335 -13.32 -11.99 -1.02
C TYR B 1335 -13.37 -10.48 -0.80
N LEU B 1336 -13.57 -9.67 -1.83
CA LEU B 1336 -13.79 -8.24 -1.66
C LEU B 1336 -14.92 -7.84 -2.58
N PHE B 1337 -15.65 -6.80 -2.21
CA PHE B 1337 -16.74 -6.38 -3.08
C PHE B 1337 -17.16 -4.95 -2.76
N SER B 1338 -17.36 -4.18 -3.82
CA SER B 1338 -17.99 -2.88 -3.76
C SER B 1338 -18.84 -2.75 -5.01
N GLN B 1339 -20.12 -2.42 -4.83
CA GLN B 1339 -21.03 -2.35 -5.97
C GLN B 1339 -20.71 -1.19 -6.90
N GLY B 1340 -19.79 -0.32 -6.52
CA GLY B 1340 -19.42 0.81 -7.33
C GLY B 1340 -17.97 0.80 -7.75
N HIS B 1341 -17.12 0.10 -6.99
CA HIS B 1341 -15.69 0.12 -7.29
C HIS B 1341 -15.33 -0.88 -8.37
N LEU B 1342 -15.83 -2.11 -8.31
CA LEU B 1342 -15.50 -3.08 -9.35
C LEU B 1342 -16.11 -2.71 -10.69
N THR B 1343 -17.37 -2.25 -10.69
CA THR B 1343 -18.00 -1.88 -11.95
C THR B 1343 -17.23 -0.76 -12.64
N ARG B 1344 -16.61 0.13 -11.86
CA ARG B 1344 -15.70 1.11 -12.44
C ARG B 1344 -14.37 0.48 -12.85
N ALA B 1345 -13.91 -0.50 -12.09
CA ALA B 1345 -12.61 -1.10 -12.36
C ALA B 1345 -12.60 -1.83 -13.70
N ILE B 1346 -13.64 -2.60 -13.99
CA ILE B 1346 -13.65 -3.51 -15.13
C ILE B 1346 -14.48 -2.97 -16.30
N CYS B 1347 -15.67 -2.45 -16.03
CA CYS B 1347 -16.58 -2.15 -17.13
C CYS B 1347 -16.93 -0.67 -17.24
N CYS B 1348 -17.40 -0.04 -16.17
CA CYS B 1348 -18.15 1.21 -16.29
C CYS B 1348 -17.27 2.45 -16.34
N ARG B 1349 -15.95 2.33 -16.24
CA ARG B 1349 -15.12 3.53 -16.28
C ARG B 1349 -14.96 4.09 -17.68
N VAL B 1350 -15.35 3.34 -18.72
CA VAL B 1350 -15.27 3.83 -20.09
C VAL B 1350 -16.61 4.45 -20.44
N THR B 1351 -17.47 4.61 -19.43
CA THR B 1351 -18.76 5.27 -19.59
C THR B 1351 -18.94 6.37 -18.57
N ARG B 1352 -17.85 6.82 -17.93
CA ARG B 1352 -17.94 7.88 -16.94
C ARG B 1352 -18.39 9.19 -17.58
N ASP B 1353 -17.85 9.52 -18.75
CA ASP B 1353 -18.14 10.77 -19.44
C ASP B 1353 -19.19 10.61 -20.53
N GLY B 1354 -20.16 9.71 -20.33
CA GLY B 1354 -21.22 9.50 -21.30
C GLY B 1354 -20.99 8.25 -22.13
N SER B 1355 -21.92 8.03 -23.07
CA SER B 1355 -21.89 6.88 -23.95
C SER B 1355 -21.21 7.19 -25.28
N ALA B 1356 -20.28 8.14 -25.31
CA ALA B 1356 -19.58 8.51 -26.53
C ALA B 1356 -18.49 7.52 -26.93
N PHE B 1357 -18.19 6.54 -26.07
CA PHE B 1357 -17.15 5.57 -26.37
C PHE B 1357 -17.67 4.34 -27.09
N GLU B 1358 -18.93 3.96 -26.84
CA GLU B 1358 -19.48 2.78 -27.49
C GLU B 1358 -19.77 3.05 -28.96
N ASP B 1359 -20.32 4.23 -29.28
CA ASP B 1359 -20.68 4.53 -30.66
C ASP B 1359 -19.45 4.64 -31.55
N GLY B 1360 -18.36 5.22 -31.03
CA GLY B 1360 -17.13 5.31 -31.80
C GLY B 1360 -16.55 3.95 -32.14
N LEU B 1361 -16.63 3.02 -31.20
CA LEU B 1361 -16.17 1.66 -31.45
C LEU B 1361 -17.01 1.01 -32.54
N ARG B 1362 -16.35 0.33 -33.48
CA ARG B 1362 -17.02 -0.24 -34.63
C ARG B 1362 -17.49 -1.66 -34.35
N HIS B 1363 -18.64 -2.01 -34.92
CA HIS B 1363 -19.14 -3.38 -34.83
C HIS B 1363 -18.16 -4.32 -35.52
N PRO B 1364 -17.99 -5.55 -35.00
CA PRO B 1364 -18.67 -6.19 -33.87
C PRO B 1364 -17.98 -6.01 -32.52
N PHE B 1365 -17.49 -4.82 -32.20
CA PHE B 1365 -16.83 -4.57 -30.93
C PHE B 1365 -17.70 -3.65 -30.09
N ILE B 1366 -18.10 -4.13 -28.91
CA ILE B 1366 -18.94 -3.37 -27.99
C ILE B 1366 -18.42 -3.55 -26.57
N VAL B 1367 -18.78 -2.61 -25.70
CA VAL B 1367 -18.39 -2.67 -24.30
C VAL B 1367 -19.32 -3.61 -23.55
N ASN B 1368 -18.74 -4.54 -22.79
CA ASN B 1368 -19.50 -5.54 -22.06
C ASN B 1368 -19.63 -5.15 -20.59
N HIS B 1369 -20.79 -5.43 -20.00
CA HIS B 1369 -21.12 -5.08 -18.62
C HIS B 1369 -21.57 -6.33 -17.88
N PRO B 1370 -20.63 -7.14 -17.42
CA PRO B 1370 -21.00 -8.36 -16.69
C PRO B 1370 -21.70 -8.05 -15.38
N LYS B 1371 -22.59 -8.95 -14.98
CA LYS B 1371 -23.33 -8.78 -13.74
C LYS B 1371 -22.41 -9.03 -12.55
N VAL B 1372 -22.33 -8.07 -11.64
CA VAL B 1372 -21.33 -8.07 -10.57
C VAL B 1372 -21.95 -8.67 -9.32
N GLY B 1373 -21.27 -9.65 -8.73
CA GLY B 1373 -21.79 -10.30 -7.54
C GLY B 1373 -20.70 -10.74 -6.59
N ARG B 1374 -21.11 -10.97 -5.33
CA ARG B 1374 -20.25 -11.42 -4.26
C ARG B 1374 -20.78 -12.71 -3.67
N VAL B 1375 -19.86 -13.58 -3.26
CA VAL B 1375 -20.25 -14.79 -2.53
C VAL B 1375 -20.84 -14.40 -1.18
N SER B 1376 -21.95 -15.06 -0.81
CA SER B 1376 -22.64 -14.72 0.43
C SER B 1376 -21.76 -15.02 1.64
N ILE B 1377 -21.15 -16.21 1.67
CA ILE B 1377 -20.28 -16.61 2.77
C ILE B 1377 -18.85 -16.63 2.26
N TYR B 1378 -18.00 -15.81 2.87
CA TYR B 1378 -16.64 -15.61 2.40
C TYR B 1378 -15.66 -15.87 3.55
N ASP B 1379 -14.39 -16.03 3.17
CA ASP B 1379 -13.31 -16.19 4.16
C ASP B 1379 -13.05 -14.86 4.84
N SER B 1380 -13.59 -14.71 6.06
CA SER B 1380 -13.53 -13.45 6.79
C SER B 1380 -12.15 -13.09 7.28
N LYS B 1381 -11.16 -13.99 7.18
CA LYS B 1381 -9.88 -13.83 7.84
C LYS B 1381 -8.80 -13.50 6.81
N ARG B 1382 -8.00 -12.49 7.12
CA ARG B 1382 -7.02 -11.95 6.18
C ARG B 1382 -5.61 -12.40 6.57
N GLN B 1383 -4.90 -13.01 5.62
CA GLN B 1383 -3.53 -13.46 5.85
C GLN B 1383 -2.57 -12.36 5.41
N SER B 1384 -1.73 -11.91 6.34
CA SER B 1384 -0.73 -10.89 6.05
C SER B 1384 0.64 -11.48 5.72
N GLY B 1385 0.78 -12.80 5.71
CA GLY B 1385 2.07 -13.42 5.49
C GLY B 1385 2.46 -13.49 4.02
N LYS B 1386 3.61 -14.11 3.79
CA LYS B 1386 4.13 -14.28 2.44
C LYS B 1386 3.28 -15.27 1.65
N THR B 1387 3.33 -15.14 0.33
CA THR B 1387 2.52 -15.94 -0.57
C THR B 1387 3.41 -16.59 -1.62
N LYS B 1388 2.79 -17.40 -2.48
CA LYS B 1388 3.51 -18.08 -3.55
C LYS B 1388 3.47 -17.22 -4.81
N GLU B 1389 4.64 -17.00 -5.40
CA GLU B 1389 4.74 -16.17 -6.59
C GLU B 1389 4.48 -16.93 -7.88
N THR B 1390 4.40 -18.25 -7.84
CA THR B 1390 4.21 -19.04 -9.06
C THR B 1390 2.78 -18.93 -9.55
N SER B 1391 2.62 -18.61 -10.82
CA SER B 1391 1.32 -18.56 -11.48
C SER B 1391 0.95 -19.93 -12.01
N VAL B 1392 -0.35 -20.19 -12.06
CA VAL B 1392 -0.89 -21.47 -12.51
C VAL B 1392 -1.92 -21.21 -13.59
N ASN B 1393 -1.92 -22.03 -14.64
CA ASN B 1393 -2.88 -21.88 -15.73
C ASN B 1393 -3.41 -23.23 -16.20
N TRP B 1394 -4.63 -23.19 -16.72
CA TRP B 1394 -5.31 -24.34 -17.30
C TRP B 1394 -6.42 -23.84 -18.21
N CYS B 1395 -6.69 -24.61 -19.27
CA CYS B 1395 -7.76 -24.31 -20.20
C CYS B 1395 -8.55 -25.58 -20.50
N LEU B 1396 -9.76 -25.40 -21.02
CA LEU B 1396 -10.67 -26.52 -21.23
C LEU B 1396 -10.08 -27.54 -22.20
N ALA B 1397 -9.42 -27.07 -23.26
CA ALA B 1397 -8.86 -27.99 -24.24
C ALA B 1397 -7.67 -28.77 -23.70
N ASP B 1398 -6.97 -28.24 -22.69
CA ASP B 1398 -5.82 -28.95 -22.14
C ASP B 1398 -6.24 -30.25 -21.46
N GLY B 1399 -7.36 -30.22 -20.73
CA GLY B 1399 -7.77 -31.38 -19.96
C GLY B 1399 -7.27 -31.33 -18.54
N TYR B 1400 -6.21 -32.10 -18.26
CA TYR B 1400 -5.60 -32.13 -16.93
C TYR B 1400 -4.16 -31.61 -16.94
N ASP B 1401 -3.72 -30.99 -18.04
CA ASP B 1401 -2.35 -30.50 -18.16
C ASP B 1401 -2.24 -29.12 -17.50
N LEU B 1402 -2.08 -29.14 -16.18
CA LEU B 1402 -1.90 -27.90 -15.43
C LEU B 1402 -0.50 -27.37 -15.66
N GLU B 1403 -0.40 -26.06 -15.96
CA GLU B 1403 0.88 -25.44 -16.24
C GLU B 1403 1.25 -24.46 -15.14
N ILE B 1404 2.55 -24.39 -14.85
CA ILE B 1404 3.11 -23.51 -13.83
C ILE B 1404 4.09 -22.55 -14.48
N LEU B 1405 4.02 -21.28 -14.10
CA LEU B 1405 4.96 -20.27 -14.55
C LEU B 1405 5.54 -19.54 -13.35
N ASP B 1406 6.70 -18.94 -13.54
CA ASP B 1406 7.30 -18.05 -12.55
C ASP B 1406 7.20 -16.63 -13.06
N GLY B 1407 6.53 -15.76 -12.29
CA GLY B 1407 6.30 -14.40 -12.73
C GLY B 1407 7.53 -13.51 -12.71
N THR B 1408 8.55 -13.88 -11.93
CA THR B 1408 9.75 -13.07 -11.86
C THR B 1408 10.48 -13.04 -13.21
N ARG B 1409 10.53 -14.18 -13.90
CA ARG B 1409 11.26 -14.32 -15.14
C ARG B 1409 10.34 -14.45 -16.36
N GLY B 1410 9.39 -15.39 -16.32
CA GLY B 1410 8.48 -15.59 -17.43
C GLY B 1410 8.73 -16.89 -18.16
N THR B 1411 9.11 -17.93 -17.42
CA THR B 1411 9.35 -19.26 -17.95
C THR B 1411 8.66 -20.28 -17.04
N VAL B 1412 8.63 -21.53 -17.51
CA VAL B 1412 8.00 -22.58 -16.74
C VAL B 1412 8.79 -22.86 -15.47
N ASP B 1413 8.09 -23.28 -14.43
CA ASP B 1413 8.74 -23.67 -13.17
C ASP B 1413 9.50 -24.97 -13.38
N GLY B 1414 10.83 -24.88 -13.44
CA GLY B 1414 11.66 -26.03 -13.65
C GLY B 1414 13.10 -25.66 -13.94
N PRO B 1415 14.03 -26.51 -13.51
CA PRO B 1415 15.45 -26.22 -13.78
C PRO B 1415 15.81 -26.24 -15.26
N ARG B 1416 15.01 -26.90 -16.09
CA ARG B 1416 15.30 -26.97 -17.52
C ARG B 1416 15.01 -25.65 -18.25
N ASN B 1417 14.36 -24.69 -17.59
CA ASN B 1417 14.00 -23.41 -18.19
C ASN B 1417 13.16 -23.62 -19.46
N GLU B 1418 12.06 -24.36 -19.28
CA GLU B 1418 11.22 -24.74 -20.41
C GLU B 1418 10.50 -23.53 -20.99
N LEU B 1419 10.28 -23.59 -22.30
CA LEU B 1419 9.47 -22.57 -22.98
C LEU B 1419 8.03 -22.65 -22.50
N SER B 1420 7.44 -21.50 -22.21
CA SER B 1420 6.06 -21.47 -21.75
C SER B 1420 5.11 -21.73 -22.91
N ARG B 1421 4.18 -22.66 -22.72
CA ARG B 1421 3.26 -23.04 -23.77
C ARG B 1421 2.24 -21.96 -24.10
N VAL B 1422 2.15 -20.91 -23.30
CA VAL B 1422 1.24 -19.81 -23.58
C VAL B 1422 1.99 -18.57 -24.08
N SER B 1423 3.25 -18.72 -24.46
CA SER B 1423 4.02 -17.59 -24.95
C SER B 1423 3.49 -17.12 -26.31
N LYS B 1424 3.93 -15.93 -26.72
CA LYS B 1424 3.52 -15.40 -28.02
C LYS B 1424 4.01 -16.27 -29.15
N LYS B 1425 5.11 -17.00 -28.94
CA LYS B 1425 5.62 -17.94 -29.95
C LYS B 1425 4.58 -19.02 -30.22
N ASN B 1426 4.04 -19.63 -29.17
CA ASN B 1426 3.06 -20.69 -29.33
C ASN B 1426 1.76 -20.16 -29.96
N ILE B 1427 1.35 -18.96 -29.57
CA ILE B 1427 0.16 -18.35 -30.17
C ILE B 1427 0.36 -18.14 -31.66
N PHE B 1428 1.54 -17.63 -32.04
CA PHE B 1428 1.83 -17.44 -33.46
C PHE B 1428 1.86 -18.76 -34.21
N LEU B 1429 2.45 -19.79 -33.60
CA LEU B 1429 2.50 -21.10 -34.25
C LEU B 1429 1.10 -21.67 -34.44
N LEU B 1430 0.24 -21.55 -33.43
CA LEU B 1430 -1.13 -22.04 -33.55
C LEU B 1430 -1.91 -21.24 -34.58
N PHE B 1431 -1.68 -19.93 -34.66
CA PHE B 1431 -2.33 -19.14 -35.70
C PHE B 1431 -1.90 -19.58 -37.09
N LYS B 1432 -0.60 -19.83 -37.28
CA LYS B 1432 -0.12 -20.31 -38.57
C LYS B 1432 -0.74 -21.65 -38.91
N LYS B 1433 -0.85 -22.54 -37.92
CA LYS B 1433 -1.50 -23.83 -38.14
C LYS B 1433 -2.96 -23.64 -38.54
N LEU B 1434 -3.66 -22.70 -37.89
CA LEU B 1434 -5.05 -22.46 -38.23
C LEU B 1434 -5.21 -21.93 -39.66
N CYS B 1435 -4.31 -21.04 -40.08
CA CYS B 1435 -4.42 -20.54 -41.47
C CYS B 1435 -4.06 -21.62 -42.47
N SER B 1436 -3.06 -22.46 -42.17
CA SER B 1436 -2.74 -23.55 -43.07
C SER B 1436 -3.90 -24.53 -43.18
N PHE B 1437 -4.55 -24.85 -42.06
CA PHE B 1437 -5.67 -25.78 -42.08
C PHE B 1437 -6.86 -25.19 -42.85
N ARG B 1438 -7.13 -23.90 -42.67
CA ARG B 1438 -8.25 -23.24 -43.30
C ARG B 1438 -7.91 -22.78 -44.74
N TYR B 1439 -6.81 -23.27 -45.29
CA TYR B 1439 -6.40 -22.97 -46.67
C TYR B 1439 -6.24 -21.47 -46.90
N ARG B 1440 -5.77 -20.75 -45.89
CA ARG B 1440 -5.52 -19.32 -45.98
C ARG B 1440 -4.02 -19.11 -46.16
N ARG B 1441 -3.59 -19.15 -47.43
CA ARG B 1441 -2.20 -18.89 -47.77
C ARG B 1441 -1.85 -17.42 -47.74
N ASP B 1442 -2.86 -16.54 -47.66
CA ASP B 1442 -2.60 -15.10 -47.65
C ASP B 1442 -1.79 -14.68 -46.43
N LEU B 1443 -2.12 -15.23 -45.26
CA LEU B 1443 -1.50 -14.81 -44.01
C LEU B 1443 -0.31 -15.67 -43.61
N LEU B 1444 0.07 -16.67 -44.41
CA LEU B 1444 1.23 -17.48 -44.09
C LEU B 1444 2.54 -16.76 -44.39
N ARG B 1445 2.51 -15.73 -45.23
CA ARG B 1445 3.73 -14.98 -45.53
C ARG B 1445 4.08 -14.02 -44.40
N LEU B 1446 3.07 -13.43 -43.76
CA LEU B 1446 3.31 -12.34 -42.82
C LEU B 1446 3.89 -12.86 -41.51
N SER B 1447 4.50 -11.94 -40.77
CA SER B 1447 5.03 -12.23 -39.44
C SER B 1447 3.98 -11.88 -38.38
N TYR B 1448 4.35 -12.04 -37.11
CA TYR B 1448 3.39 -11.83 -36.03
C TYR B 1448 2.87 -10.39 -36.02
N GLY B 1449 3.78 -9.43 -36.07
CA GLY B 1449 3.36 -8.04 -36.14
C GLY B 1449 2.59 -7.72 -37.40
N GLU B 1450 3.07 -8.22 -38.55
CA GLU B 1450 2.38 -7.93 -39.80
C GLU B 1450 0.99 -8.54 -39.80
N ALA B 1451 0.85 -9.76 -39.30
CA ALA B 1451 -0.47 -10.38 -39.20
C ALA B 1451 -1.37 -9.61 -38.25
N LYS B 1452 -0.82 -9.13 -37.14
CA LYS B 1452 -1.63 -8.36 -36.19
C LYS B 1452 -2.16 -7.07 -36.80
N LYS B 1453 -1.28 -6.30 -37.47
CA LYS B 1453 -1.75 -5.06 -38.11
C LYS B 1453 -2.53 -5.30 -39.40
N ALA B 1454 -2.50 -6.51 -39.96
CA ALA B 1454 -3.22 -6.76 -41.21
C ALA B 1454 -4.72 -6.52 -41.04
N ALA B 1455 -5.27 -6.92 -39.89
CA ALA B 1455 -6.68 -6.70 -39.62
C ALA B 1455 -6.94 -5.22 -39.33
N ARG B 1456 -7.35 -4.47 -40.36
CA ARG B 1456 -7.48 -3.03 -40.22
C ARG B 1456 -8.56 -2.64 -39.22
N ASP B 1457 -9.70 -3.35 -39.24
CA ASP B 1457 -10.79 -3.02 -38.33
C ASP B 1457 -10.37 -3.17 -36.87
N TYR B 1458 -9.71 -4.28 -36.55
CA TYR B 1458 -9.30 -4.52 -35.17
C TYR B 1458 -8.27 -3.49 -34.73
N GLU B 1459 -7.31 -3.17 -35.59
CA GLU B 1459 -6.30 -2.20 -35.20
C GLU B 1459 -6.89 -0.82 -35.01
N THR B 1460 -7.87 -0.46 -35.84
CA THR B 1460 -8.59 0.79 -35.61
C THR B 1460 -9.32 0.76 -34.27
N ALA B 1461 -9.94 -0.39 -33.94
CA ALA B 1461 -10.64 -0.51 -32.67
C ALA B 1461 -9.70 -0.36 -31.48
N LYS B 1462 -8.54 -1.04 -31.54
CA LYS B 1462 -7.50 -0.85 -30.54
C LYS B 1462 -7.14 0.62 -30.40
N ASN B 1463 -6.63 1.20 -31.49
CA ASN B 1463 -6.12 2.57 -31.45
C ASN B 1463 -7.17 3.52 -30.88
N TYR B 1464 -8.43 3.33 -31.26
CA TYR B 1464 -9.51 4.12 -30.69
C TYR B 1464 -9.67 3.87 -29.20
N PHE B 1465 -9.50 2.62 -28.76
CA PHE B 1465 -9.62 2.33 -27.33
C PHE B 1465 -8.53 3.05 -26.54
N LYS B 1466 -7.29 2.96 -27.02
CA LYS B 1466 -6.17 3.63 -26.35
C LYS B 1466 -6.34 5.14 -26.36
N LYS B 1467 -6.78 5.70 -27.50
CA LYS B 1467 -7.03 7.14 -27.58
C LYS B 1467 -8.15 7.56 -26.63
N GLY B 1468 -9.19 6.75 -26.51
CA GLY B 1468 -10.26 7.07 -25.58
C GLY B 1468 -9.81 7.01 -24.14
N LEU B 1469 -8.96 6.03 -23.80
CA LEU B 1469 -8.38 6.01 -22.46
C LEU B 1469 -7.53 7.25 -22.20
N LYS B 1470 -6.75 7.66 -23.20
CA LYS B 1470 -5.94 8.87 -23.05
C LYS B 1470 -6.81 10.11 -22.87
N ASP B 1471 -7.91 10.21 -23.62
CA ASP B 1471 -8.70 11.43 -23.66
C ASP B 1471 -9.36 11.73 -22.32
N MET B 1472 -9.86 10.70 -21.64
CA MET B 1472 -10.58 10.89 -20.38
C MET B 1472 -9.65 11.21 -19.21
N GLY B 1473 -8.37 11.44 -19.47
CA GLY B 1473 -7.44 11.72 -18.40
C GLY B 1473 -7.19 10.56 -17.46
N TYR B 1474 -7.25 9.33 -17.97
CA TYR B 1474 -6.94 8.15 -17.19
C TYR B 1474 -5.50 7.67 -17.42
N GLY B 1475 -4.73 8.39 -18.21
CA GLY B 1475 -3.34 8.06 -18.47
C GLY B 1475 -3.14 7.63 -19.90
N ASN B 1476 -1.91 7.20 -20.18
CA ASN B 1476 -1.50 6.74 -21.51
C ASN B 1476 -1.19 5.25 -21.41
N TRP B 1477 -1.86 4.46 -22.24
CA TRP B 1477 -1.61 3.01 -22.25
C TRP B 1477 -0.19 2.78 -22.73
N ILE B 1478 0.65 2.25 -21.84
CA ILE B 1478 2.07 2.06 -22.12
C ILE B 1478 2.21 0.86 -23.05
N SER B 1479 2.37 1.13 -24.34
CA SER B 1479 2.53 0.08 -25.34
C SER B 1479 4.00 -0.28 -25.45
N LYS B 1480 4.28 -1.58 -25.47
CA LYS B 1480 5.64 -2.05 -25.65
C LYS B 1480 6.13 -1.76 -27.06
N PRO B 1481 7.45 -1.63 -27.26
CA PRO B 1481 7.97 -1.34 -28.60
C PRO B 1481 7.60 -2.42 -29.59
N GLN B 1482 7.44 -2.01 -30.86
CA GLN B 1482 7.07 -2.94 -31.91
C GLN B 1482 8.15 -3.96 -32.23
N GLU B 1483 9.39 -3.74 -31.77
CA GLU B 1483 10.47 -4.68 -32.06
C GLU B 1483 10.30 -6.00 -31.33
N GLU B 1484 9.58 -6.02 -30.21
CA GLU B 1484 9.38 -7.28 -29.48
C GLU B 1484 8.51 -8.25 -30.25
N LYS B 1485 7.44 -7.76 -30.89
CA LYS B 1485 6.50 -8.62 -31.58
C LYS B 1485 6.75 -8.72 -33.08
N ASN B 1486 7.77 -8.04 -33.59
CA ASN B 1486 8.08 -8.04 -35.02
C ASN B 1486 9.23 -9.01 -35.29
N PHE B 1487 8.88 -10.29 -35.39
CA PHE B 1487 9.88 -11.31 -35.69
C PHE B 1487 9.29 -12.33 -36.65
N TYR B 1488 10.18 -12.98 -37.39
CA TYR B 1488 9.82 -14.02 -38.36
C TYR B 1488 10.29 -15.38 -37.86
N LEU B 1489 9.42 -16.38 -37.95
CA LEU B 1489 9.76 -17.71 -37.49
C LEU B 1489 10.88 -18.29 -38.34
N CYS B 1490 11.79 -19.02 -37.68
CA CYS B 1490 12.92 -19.62 -38.37
C CYS B 1490 12.97 -21.13 -38.12
#